data_7PS6
#
_entry.id   7PS6
#
_cell.length_a   129.377
_cell.length_b   112.567
_cell.length_c   99.854
_cell.angle_alpha   90.000
_cell.angle_beta   90.000
_cell.angle_gamma   90.000
#
_symmetry.space_group_name_H-M   'P 21 21 2'
#
loop_
_entity.id
_entity.type
_entity.pdbx_description
1 polymer 'Beta-54 Fab heavy chain'
2 polymer 'Beta-54 Fab light chain'
3 polymer 'Spike protein S1'
4 polymer 'Beta-44 Fab heavy chain'
5 polymer 'Beta-44 Fab light chain'
6 branched alpha-L-fucopyranose-(1-6)-2-acetamido-2-deoxy-beta-D-glucopyranose
7 non-polymer 2-(2-METHOXYETHOXY)ETHANOL
8 non-polymer GLYCEROL
9 non-polymer DI(HYDROXYETHYL)ETHER
10 non-polymer 'CHLORIDE ION'
11 water water
#
loop_
_entity_poly.entity_id
_entity_poly.type
_entity_poly.pdbx_seq_one_letter_code
_entity_poly.pdbx_strand_id
1 'polypeptide(L)'
;QVQLQESGPGLVKPSETLSLTCTVFGGSITSSNHYWVWIRQPPGKGLEWIGSMYYSGSTAYNPSLTNRVTISVDTSKNQF
SLKLSSVTAADTAVYYCARQIGPKRPSQVADWFDPWGQGTLVTVSSASTKGPSVFPLAPSSKSTSGGTAALGCLVKDYFP
EPVTVSWNSGALTSGVHTFPAVLQSSGLYSLSSVVTVPSSSLGTQTYICNVNHKPSNTKVDKKVEPKSCDK
;
H
2 'polypeptide(L)'
;DIQLTQSPSFLSASVGDRVTITCRASQGISSYLAWYQQKPGKAPKLLIYAASTLQSGVPSRFSGSGSGTEFTLTISSLQP
EDFATYYCQQLNSYPLTFGGGTKVEIKRTVAAPSVFIFPPSDEQLKSGTASVVCLLNNFYPREAKVQWKVDNALQSGNSQ
ESVTEQDSKDSTYSLSSTLTLSKADYEKHKVYACEVTHQGLSSPVTKSFNRGEC
;
L
3 'polypeptide(L)'
;MGCVAETGHHHHHHTNLCPFGEVFNATRFASVYAWNRKRISNCVADYSVLYNSASFSTFKCYGVSPTKLNDLCFTNVYAD
SFVIRGDEVRQIAPGQTGNIADYNYKLPDDFTGCVIAWNSNNLDSKVGGNYNYLYRLFRKSNLKPFERDISTEIYQAGST
PCNGVKGFNCYFPLQSYGFQPTYGVGYQPYRVVVLSFELLHAPATVCGKK
;
E
4 'polypeptide(L)'
;QVQLVQSGAEVKKPGASVKVSCKASGYTFTSYGISWVRQAPGQGLEWMGWISPYNGNTHYAQKLQGRVTMTTDTSTSTAY
MELRSLRSDDTAVYYCARDGELLGWFDPWGQGTLVTVSSASTKGPSVFPLAPSSKSTSGGTAALGCLVKDYFPEPVTVSW
NSGALTSGVHTFPAVLQSSGLYSLSSVVTVPSSSLGTQTYICNVNHKPSNTKVDKRVEPKSCDK
;
C
5 'polypeptide(L)'
;QSVVTQPASVSGSPGQSITISCTGTSSDVGSYNLVSWYQQHPGKAPKLMIYAGSKRPSGVSNRFSGSKSGNTASLTISGL
QAEDEADYYCCSYAGSSTWVFGGGTKLTVLGQPKANPTVTLFPPSSEELQANKATLVCLISDFYPGAVTVAWKADSSPVK
AGVETTTPSKQSNNKYAASSYLSLTPEQWKSHRSYSCQVTHEGSTVEKTVAPTECSEC
;
D
#
# COMPACT_ATOMS: atom_id res chain seq x y z
N GLN A 1 -30.64 -16.41 -1.19
CA GLN A 1 -29.99 -15.14 -1.46
C GLN A 1 -30.49 -14.04 -0.52
N VAL A 2 -29.60 -13.55 0.35
CA VAL A 2 -29.96 -12.53 1.30
C VAL A 2 -30.12 -11.19 0.60
N GLN A 3 -31.18 -10.45 0.94
CA GLN A 3 -31.44 -9.14 0.38
C GLN A 3 -31.69 -8.15 1.51
N LEU A 4 -31.32 -6.90 1.27
CA LEU A 4 -31.52 -5.81 2.22
C LEU A 4 -32.32 -4.70 1.53
N GLN A 5 -33.43 -4.30 2.16
CA GLN A 5 -34.32 -3.27 1.63
C GLN A 5 -34.43 -2.16 2.68
N GLU A 6 -33.75 -1.05 2.44
CA GLU A 6 -33.80 0.03 3.40
C GLU A 6 -34.90 1.02 3.05
N SER A 7 -35.28 1.83 4.04
CA SER A 7 -36.37 2.78 3.91
C SER A 7 -36.16 3.88 4.94
N GLY A 8 -36.91 4.97 4.77
CA GLY A 8 -36.83 6.08 5.67
C GLY A 8 -36.88 7.41 4.95
N PRO A 9 -37.10 8.49 5.71
CA PRO A 9 -37.22 9.81 5.08
C PRO A 9 -35.89 10.29 4.50
N GLY A 10 -35.96 10.86 3.31
CA GLY A 10 -34.80 11.44 2.68
C GLY A 10 -34.55 12.89 3.01
N LEU A 11 -35.34 13.47 3.91
CA LEU A 11 -35.21 14.87 4.28
C LEU A 11 -35.27 15.00 5.80
N VAL A 12 -34.25 15.62 6.39
CA VAL A 12 -34.18 15.84 7.83
C VAL A 12 -33.73 17.28 8.06
N LYS A 13 -34.49 18.01 8.87
CA LYS A 13 -34.12 19.39 9.18
C LYS A 13 -32.89 19.41 10.08
N PRO A 14 -32.12 20.50 10.06
CA PRO A 14 -30.92 20.58 10.91
C PRO A 14 -31.27 20.46 12.38
N SER A 15 -30.36 19.83 13.14
CA SER A 15 -30.47 19.59 14.57
C SER A 15 -31.51 18.53 14.92
N GLU A 16 -32.26 18.05 13.93
CA GLU A 16 -33.21 16.96 14.15
C GLU A 16 -32.44 15.64 14.13
N THR A 17 -33.16 14.52 14.07
CA THR A 17 -32.54 13.19 14.15
C THR A 17 -32.88 12.39 12.91
N LEU A 18 -31.84 11.99 12.18
CA LEU A 18 -31.99 11.08 11.04
C LEU A 18 -32.39 9.70 11.53
N SER A 19 -33.24 9.02 10.75
CA SER A 19 -33.70 7.69 11.14
C SER A 19 -33.94 6.87 9.88
N LEU A 20 -33.31 5.70 9.80
CA LEU A 20 -33.44 4.81 8.66
C LEU A 20 -33.56 3.37 9.16
N THR A 21 -34.25 2.55 8.37
CA THR A 21 -34.52 1.16 8.71
C THR A 21 -34.15 0.27 7.54
N CYS A 22 -33.64 -0.93 7.87
CA CYS A 22 -33.25 -1.93 6.87
C CYS A 22 -33.95 -3.24 7.20
N THR A 23 -34.62 -3.82 6.21
CA THR A 23 -35.35 -5.07 6.37
C THR A 23 -34.63 -6.18 5.63
N VAL A 24 -34.33 -7.28 6.33
CA VAL A 24 -33.58 -8.39 5.77
C VAL A 24 -34.56 -9.38 5.14
N PHE A 25 -34.25 -9.80 3.91
CA PHE A 25 -35.04 -10.79 3.19
C PHE A 25 -34.16 -11.99 2.83
N GLY A 26 -34.79 -13.15 2.73
CA GLY A 26 -34.07 -14.37 2.37
C GLY A 26 -33.11 -14.86 3.43
N GLY A 27 -33.37 -14.53 4.69
CA GLY A 27 -32.49 -14.94 5.77
C GLY A 27 -32.84 -14.24 7.07
N SER A 28 -32.56 -14.90 8.20
CA SER A 28 -32.91 -14.34 9.50
C SER A 28 -31.86 -13.35 9.98
N ILE A 29 -32.30 -12.37 10.75
CA ILE A 29 -31.39 -11.37 11.29
C ILE A 29 -30.63 -11.88 12.51
N THR A 30 -31.10 -12.97 13.13
CA THR A 30 -30.38 -13.56 14.25
C THR A 30 -29.24 -14.44 13.72
N SER A 31 -28.41 -13.89 12.85
CA SER A 31 -27.27 -14.60 12.32
C SER A 31 -26.15 -14.62 13.36
N SER A 32 -25.56 -15.79 13.59
CA SER A 32 -24.51 -15.94 14.58
C SER A 32 -23.12 -15.63 14.02
N ASN A 33 -23.00 -15.37 12.72
CA ASN A 33 -21.70 -15.15 12.10
C ASN A 33 -21.69 -13.91 11.22
N HIS A 34 -22.61 -12.97 11.45
CA HIS A 34 -22.69 -11.74 10.65
C HIS A 34 -23.04 -10.56 11.54
N TYR A 35 -22.56 -9.39 11.14
CA TYR A 35 -22.94 -8.12 11.74
C TYR A 35 -23.83 -7.36 10.77
N TRP A 36 -24.60 -6.43 11.31
CA TRP A 36 -25.50 -5.59 10.53
C TRP A 36 -25.03 -4.15 10.67
N VAL A 37 -24.70 -3.51 9.54
CA VAL A 37 -23.88 -2.31 9.53
C VAL A 37 -24.58 -1.20 8.77
N TRP A 38 -24.05 0.01 8.92
CA TRP A 38 -24.46 1.18 8.15
C TRP A 38 -23.22 1.88 7.61
N ILE A 39 -23.29 2.31 6.35
CA ILE A 39 -22.20 3.00 5.67
C ILE A 39 -22.80 4.15 4.88
N ARG A 40 -22.12 5.30 4.90
CA ARG A 40 -22.62 6.48 4.22
C ARG A 40 -21.57 7.02 3.25
N GLN A 41 -22.06 7.71 2.23
CA GLN A 41 -21.21 8.23 1.16
C GLN A 41 -21.67 9.64 0.82
N PRO A 42 -20.96 10.67 1.27
CA PRO A 42 -21.33 12.03 0.90
C PRO A 42 -21.28 12.20 -0.61
N PRO A 43 -22.16 13.04 -1.17
CA PRO A 43 -22.19 13.19 -2.63
C PRO A 43 -20.86 13.66 -3.17
N GLY A 44 -20.29 12.86 -4.08
CA GLY A 44 -18.99 13.14 -4.65
C GLY A 44 -17.80 12.77 -3.78
N LYS A 45 -18.03 12.04 -2.69
CA LYS A 45 -16.99 11.69 -1.75
C LYS A 45 -16.90 10.16 -1.62
N GLY A 46 -16.01 9.71 -0.73
CA GLY A 46 -15.79 8.30 -0.51
C GLY A 46 -16.73 7.69 0.49
N LEU A 47 -16.36 6.51 0.98
CA LEU A 47 -17.18 5.73 1.90
C LEU A 47 -16.69 5.88 3.33
N GLU A 48 -17.64 6.02 4.26
CA GLU A 48 -17.33 6.14 5.68
C GLU A 48 -18.16 5.11 6.43
N TRP A 49 -17.49 4.28 7.23
CA TRP A 49 -18.16 3.27 8.02
C TRP A 49 -18.79 3.91 9.25
N ILE A 50 -20.06 3.63 9.49
CA ILE A 50 -20.79 4.25 10.60
C ILE A 50 -20.78 3.35 11.83
N GLY A 51 -21.19 2.10 11.68
CA GLY A 51 -21.25 1.20 12.83
C GLY A 51 -21.68 -0.18 12.40
N SER A 52 -21.44 -1.13 13.32
CA SER A 52 -21.76 -2.54 13.12
C SER A 52 -22.43 -3.08 14.38
N MET A 53 -23.26 -4.10 14.21
CA MET A 53 -24.07 -4.59 15.32
C MET A 53 -24.30 -6.10 15.20
N TYR A 54 -24.20 -6.77 16.34
CA TYR A 54 -24.62 -8.16 16.51
C TYR A 54 -26.08 -8.19 16.96
N TYR A 55 -26.81 -9.22 16.54
CA TYR A 55 -28.25 -9.25 16.78
C TYR A 55 -28.58 -9.18 18.27
N SER A 56 -27.70 -9.69 19.13
CA SER A 56 -28.00 -9.74 20.56
C SER A 56 -27.72 -8.43 21.28
N GLY A 57 -27.22 -7.41 20.59
CA GLY A 57 -27.11 -6.10 21.21
C GLY A 57 -25.81 -5.35 21.00
N SER A 58 -24.67 -6.06 21.02
CA SER A 58 -23.37 -5.39 21.01
C SER A 58 -23.19 -4.56 19.75
N THR A 59 -22.54 -3.40 19.90
CA THR A 59 -22.33 -2.47 18.81
C THR A 59 -20.86 -2.06 18.76
N ALA A 60 -20.46 -1.56 17.59
CA ALA A 60 -19.19 -0.88 17.41
C ALA A 60 -19.42 0.32 16.50
N TYR A 61 -19.17 1.52 17.01
CA TYR A 61 -19.43 2.75 16.28
C TYR A 61 -18.12 3.40 15.86
N ASN A 62 -18.23 4.25 14.85
CA ASN A 62 -17.07 5.02 14.40
C ASN A 62 -16.82 6.15 15.38
N PRO A 63 -15.63 6.22 16.00
CA PRO A 63 -15.35 7.35 16.90
C PRO A 63 -15.39 8.71 16.22
N SER A 64 -15.45 8.77 14.88
CA SER A 64 -15.55 10.04 14.17
C SER A 64 -16.96 10.61 14.18
N LEU A 65 -17.95 9.83 14.63
CA LEU A 65 -19.33 10.27 14.71
C LEU A 65 -19.76 10.56 16.14
N THR A 66 -18.80 10.84 17.03
CA THR A 66 -19.04 11.09 18.46
C THR A 66 -20.09 10.15 19.05
N ASN A 67 -20.94 10.67 19.93
CA ASN A 67 -21.98 9.87 20.58
C ASN A 67 -23.36 10.19 20.03
N ARG A 68 -23.47 10.45 18.72
CA ARG A 68 -24.75 10.76 18.10
C ARG A 68 -25.22 9.64 17.18
N VAL A 69 -24.64 8.46 17.30
CA VAL A 69 -25.01 7.30 16.49
C VAL A 69 -25.60 6.23 17.40
N THR A 70 -26.77 5.73 17.02
CA THR A 70 -27.38 4.57 17.66
C THR A 70 -27.89 3.63 16.58
N ILE A 71 -27.48 2.38 16.67
CA ILE A 71 -28.02 1.30 15.83
C ILE A 71 -28.84 0.41 16.74
N SER A 72 -29.89 -0.19 16.18
CA SER A 72 -30.79 -1.04 16.95
C SER A 72 -31.29 -2.16 16.07
N VAL A 73 -31.74 -3.24 16.71
CA VAL A 73 -32.22 -4.42 16.00
C VAL A 73 -33.61 -4.77 16.53
N ASP A 74 -34.51 -5.12 15.61
CA ASP A 74 -35.85 -5.63 15.92
C ASP A 74 -35.89 -7.05 15.38
N THR A 75 -35.51 -8.03 16.21
CA THR A 75 -35.49 -9.41 15.76
C THR A 75 -36.88 -9.88 15.32
N SER A 76 -37.92 -9.42 16.02
CA SER A 76 -39.28 -9.86 15.72
C SER A 76 -39.80 -9.31 14.40
N LYS A 77 -39.09 -8.38 13.76
CA LYS A 77 -39.50 -7.84 12.47
C LYS A 77 -38.40 -7.96 11.43
N ASN A 78 -37.30 -8.66 11.75
CA ASN A 78 -36.18 -8.86 10.82
C ASN A 78 -35.63 -7.53 10.32
N GLN A 79 -35.54 -6.56 11.22
CA GLN A 79 -35.10 -5.22 10.88
C GLN A 79 -33.98 -4.76 11.79
N PHE A 80 -33.16 -3.85 11.28
CA PHE A 80 -32.25 -3.08 12.11
C PHE A 80 -32.24 -1.65 11.61
N SER A 81 -31.99 -0.71 12.53
CA SER A 81 -32.21 0.70 12.27
C SER A 81 -30.99 1.53 12.60
N LEU A 82 -30.98 2.76 12.08
CA LEU A 82 -29.93 3.73 12.33
C LEU A 82 -30.55 5.04 12.78
N LYS A 83 -29.99 5.63 13.83
CA LYS A 83 -30.44 6.94 14.32
C LYS A 83 -29.22 7.82 14.52
N LEU A 84 -29.16 8.92 13.77
CA LEU A 84 -28.08 9.91 13.85
C LEU A 84 -28.69 11.23 14.32
N SER A 85 -28.30 11.68 15.51
CA SER A 85 -28.90 12.85 16.12
C SER A 85 -28.07 14.10 15.87
N SER A 86 -28.73 15.25 16.00
CA SER A 86 -28.10 16.56 15.84
C SER A 86 -27.37 16.67 14.50
N VAL A 87 -28.10 16.40 13.42
CA VAL A 87 -27.50 16.35 12.10
C VAL A 87 -27.20 17.76 11.60
N THR A 88 -26.14 17.88 10.82
CA THR A 88 -25.77 19.09 10.11
C THR A 88 -25.71 18.78 8.61
N ALA A 89 -25.42 19.82 7.81
CA ALA A 89 -25.24 19.62 6.38
C ALA A 89 -24.10 18.64 6.07
N ALA A 90 -23.13 18.50 6.99
CA ALA A 90 -22.07 17.52 6.82
C ALA A 90 -22.55 16.09 6.92
N ASP A 91 -23.83 15.87 7.26
CA ASP A 91 -24.41 14.55 7.33
C ASP A 91 -25.21 14.19 6.08
N THR A 92 -25.34 15.11 5.13
CA THR A 92 -26.02 14.83 3.87
C THR A 92 -25.23 13.80 3.09
N ALA A 93 -25.79 12.61 2.91
CA ALA A 93 -25.09 11.54 2.23
C ALA A 93 -26.08 10.47 1.83
N VAL A 94 -25.64 9.61 0.91
CA VAL A 94 -26.36 8.37 0.62
C VAL A 94 -25.99 7.35 1.68
N TYR A 95 -26.96 6.89 2.45
CA TYR A 95 -26.73 5.94 3.52
C TYR A 95 -27.07 4.54 3.03
N TYR A 96 -26.16 3.60 3.27
CA TYR A 96 -26.37 2.20 2.94
C TYR A 96 -26.44 1.37 4.21
N CYS A 97 -27.33 0.38 4.22
CA CYS A 97 -27.19 -0.73 5.15
C CYS A 97 -26.51 -1.88 4.43
N ALA A 98 -25.78 -2.69 5.19
CA ALA A 98 -25.05 -3.80 4.61
C ALA A 98 -24.89 -4.89 5.66
N ARG A 99 -24.45 -6.06 5.19
CA ARG A 99 -24.16 -7.21 6.04
C ARG A 99 -22.65 -7.41 6.07
N GLN A 100 -22.10 -7.47 7.27
CA GLN A 100 -20.67 -7.69 7.47
C GLN A 100 -20.46 -9.10 8.03
N ILE A 101 -19.56 -9.85 7.41
CA ILE A 101 -19.22 -11.18 7.90
C ILE A 101 -18.24 -11.05 9.06
N GLY A 102 -18.52 -11.76 10.15
CA GLY A 102 -17.67 -11.72 11.30
C GLY A 102 -16.72 -12.90 11.35
N PRO A 103 -15.62 -12.76 12.08
CA PRO A 103 -14.68 -13.88 12.21
C PRO A 103 -15.23 -14.96 13.13
N LYS A 104 -14.89 -16.21 12.81
CA LYS A 104 -15.22 -17.33 13.68
C LYS A 104 -14.07 -17.74 14.58
N ARG A 105 -12.85 -17.36 14.24
CA ARG A 105 -11.63 -17.66 14.99
C ARG A 105 -10.87 -16.37 15.25
N PRO A 106 -9.99 -16.37 16.25
CA PRO A 106 -9.11 -15.21 16.49
C PRO A 106 -8.16 -15.01 15.31
N SER A 107 -8.11 -13.77 14.83
CA SER A 107 -7.22 -13.38 13.72
C SER A 107 -7.61 -14.10 12.43
N GLN A 108 -8.91 -14.21 12.18
CA GLN A 108 -9.42 -14.72 10.92
C GLN A 108 -9.84 -13.56 10.03
N VAL A 109 -9.57 -13.68 8.73
CA VAL A 109 -9.88 -12.60 7.79
C VAL A 109 -11.39 -12.56 7.59
N ALA A 110 -12.01 -11.47 8.04
CA ALA A 110 -13.45 -11.26 7.84
C ALA A 110 -13.72 -9.78 7.61
N ASP A 111 -14.87 -9.30 8.05
CA ASP A 111 -15.20 -7.87 8.15
C ASP A 111 -15.35 -7.19 6.80
N TRP A 112 -15.67 -7.92 5.74
CA TRP A 112 -16.07 -7.30 4.49
C TRP A 112 -17.59 -7.28 4.40
N PHE A 113 -18.09 -6.50 3.44
CA PHE A 113 -19.52 -6.18 3.36
C PHE A 113 -20.13 -6.81 2.11
N ASP A 114 -21.18 -7.61 2.31
CA ASP A 114 -21.91 -8.32 1.27
C ASP A 114 -23.12 -9.01 1.89
N PRO A 115 -24.36 -8.69 1.46
CA PRO A 115 -24.70 -7.70 0.44
C PRO A 115 -24.98 -6.31 1.01
N TRP A 116 -25.39 -5.40 0.14
CA TRP A 116 -25.68 -4.02 0.50
C TRP A 116 -27.13 -3.68 0.20
N GLY A 117 -27.68 -2.75 0.95
CA GLY A 117 -28.92 -2.11 0.55
C GLY A 117 -28.71 -1.27 -0.70
N GLN A 118 -29.81 -0.80 -1.26
CA GLN A 118 -29.73 -0.03 -2.49
C GLN A 118 -29.26 1.41 -2.26
N GLY A 119 -29.31 1.89 -1.01
CA GLY A 119 -28.89 3.25 -0.73
C GLY A 119 -30.04 4.24 -0.67
N THR A 120 -30.04 5.08 0.37
CA THR A 120 -31.07 6.09 0.54
C THR A 120 -30.38 7.43 0.76
N LEU A 121 -30.68 8.39 -0.11
CA LEU A 121 -30.15 9.73 0.05
C LEU A 121 -30.92 10.46 1.13
N VAL A 122 -30.21 10.99 2.12
CA VAL A 122 -30.79 11.82 3.17
C VAL A 122 -30.18 13.20 3.05
N THR A 123 -31.02 14.21 2.83
CA THR A 123 -30.58 15.59 2.69
C THR A 123 -30.93 16.35 3.97
N VAL A 124 -29.91 16.93 4.60
CA VAL A 124 -30.10 17.75 5.79
C VAL A 124 -30.38 19.18 5.32
N SER A 125 -31.62 19.62 5.52
CA SER A 125 -32.03 20.96 5.08
C SER A 125 -33.33 21.32 5.76
N SER A 126 -33.51 22.62 6.00
CA SER A 126 -34.75 23.13 6.57
C SER A 126 -35.79 23.47 5.51
N ALA A 127 -35.44 23.40 4.23
CA ALA A 127 -36.38 23.70 3.16
C ALA A 127 -37.51 22.66 3.14
N SER A 128 -38.67 23.10 2.65
CA SER A 128 -39.84 22.25 2.61
C SER A 128 -39.83 21.36 1.37
N THR A 129 -40.67 20.33 1.41
CA THR A 129 -40.75 19.37 0.32
C THR A 129 -41.67 19.90 -0.78
N LYS A 130 -41.23 19.75 -2.04
CA LYS A 130 -42.05 20.11 -3.19
C LYS A 130 -41.92 19.03 -4.25
N GLY A 131 -43.06 18.62 -4.80
CA GLY A 131 -43.09 17.67 -5.88
C GLY A 131 -42.90 18.35 -7.21
N PRO A 132 -42.51 17.58 -8.23
CA PRO A 132 -42.14 18.18 -9.51
C PRO A 132 -43.34 18.45 -10.41
N SER A 133 -43.10 19.28 -11.41
CA SER A 133 -43.97 19.43 -12.55
C SER A 133 -43.30 18.77 -13.75
N VAL A 134 -44.08 18.02 -14.53
CA VAL A 134 -43.55 17.25 -15.64
C VAL A 134 -44.07 17.87 -16.93
N PHE A 135 -43.16 18.42 -17.73
CA PHE A 135 -43.48 18.98 -19.03
C PHE A 135 -42.87 18.14 -20.14
N PRO A 136 -43.56 17.96 -21.25
CA PRO A 136 -43.01 17.14 -22.34
C PRO A 136 -41.93 17.88 -23.12
N LEU A 137 -40.97 17.11 -23.59
CA LEU A 137 -39.96 17.57 -24.56
C LEU A 137 -40.29 16.87 -25.87
N ALA A 138 -41.10 17.52 -26.71
CA ALA A 138 -41.68 16.90 -27.89
C ALA A 138 -40.65 16.75 -29.02
N PRO A 139 -40.76 15.68 -29.80
CA PRO A 139 -39.86 15.51 -30.95
C PRO A 139 -40.12 16.59 -31.99
N SER A 140 -39.03 17.08 -32.59
CA SER A 140 -39.14 18.16 -33.55
C SER A 140 -39.95 17.71 -34.76
N SER A 141 -40.78 18.63 -35.27
CA SER A 141 -41.61 18.31 -36.43
C SER A 141 -40.75 18.03 -37.66
N LYS A 142 -39.67 18.80 -37.83
CA LYS A 142 -38.76 18.59 -38.95
C LYS A 142 -38.21 17.16 -38.92
N SER A 143 -37.34 16.87 -37.96
CA SER A 143 -36.79 15.52 -37.73
C SER A 143 -36.14 15.04 -39.04
N THR A 144 -36.32 13.77 -39.39
CA THR A 144 -35.80 13.20 -40.61
C THR A 144 -36.87 12.35 -41.26
N SER A 145 -36.56 11.80 -42.44
CA SER A 145 -37.52 10.96 -43.13
C SER A 145 -37.64 9.60 -42.46
N GLY A 146 -36.51 8.92 -42.26
CA GLY A 146 -36.52 7.63 -41.61
C GLY A 146 -35.29 7.40 -40.75
N GLY A 147 -34.83 8.46 -40.09
CA GLY A 147 -33.67 8.37 -39.23
C GLY A 147 -34.03 8.16 -37.77
N THR A 148 -33.47 9.00 -36.90
CA THR A 148 -33.71 8.90 -35.46
C THR A 148 -34.05 10.28 -34.90
N ALA A 149 -35.08 10.32 -34.05
CA ALA A 149 -35.51 11.54 -33.39
C ALA A 149 -35.33 11.39 -31.89
N ALA A 150 -35.41 12.52 -31.19
CA ALA A 150 -35.24 12.54 -29.74
C ALA A 150 -36.45 13.18 -29.09
N LEU A 151 -36.84 12.65 -27.93
CA LEU A 151 -37.92 13.20 -27.13
C LEU A 151 -37.61 12.96 -25.67
N GLY A 152 -38.33 13.64 -24.79
CA GLY A 152 -38.05 13.47 -23.38
C GLY A 152 -39.06 14.18 -22.50
N CYS A 153 -38.74 14.19 -21.20
CA CYS A 153 -39.56 14.83 -20.18
C CYS A 153 -38.72 15.77 -19.35
N LEU A 154 -39.27 16.94 -19.05
CA LEU A 154 -38.63 17.91 -18.18
C LEU A 154 -39.26 17.82 -16.80
N VAL A 155 -38.46 17.45 -15.80
CA VAL A 155 -38.90 17.31 -14.42
C VAL A 155 -38.33 18.49 -13.65
N LYS A 156 -39.18 19.47 -13.33
CA LYS A 156 -38.71 20.77 -12.88
C LYS A 156 -39.28 21.13 -11.51
N ASP A 157 -38.46 21.81 -10.71
CA ASP A 157 -38.88 22.46 -9.46
C ASP A 157 -39.41 21.45 -8.43
N TYR A 158 -38.50 20.62 -7.93
CA TYR A 158 -38.81 19.65 -6.89
C TYR A 158 -37.70 19.66 -5.84
N PHE A 159 -38.01 19.13 -4.66
CA PHE A 159 -37.07 19.10 -3.56
C PHE A 159 -37.66 18.20 -2.50
N PRO A 160 -36.87 17.30 -1.90
CA PRO A 160 -35.44 17.13 -2.20
C PRO A 160 -35.19 16.09 -3.27
N GLU A 161 -33.93 15.72 -3.45
CA GLU A 161 -33.61 14.57 -4.27
C GLU A 161 -34.05 13.29 -3.57
N PRO A 162 -34.31 12.20 -4.31
CA PRO A 162 -34.28 12.13 -5.78
C PRO A 162 -35.66 11.97 -6.40
N VAL A 163 -35.70 11.97 -7.73
CA VAL A 163 -36.83 11.45 -8.48
C VAL A 163 -36.34 10.28 -9.30
N THR A 164 -37.27 9.40 -9.68
CA THR A 164 -36.98 8.29 -10.57
C THR A 164 -37.83 8.45 -11.82
N VAL A 165 -37.21 8.22 -12.97
CA VAL A 165 -37.88 8.29 -14.26
C VAL A 165 -37.70 6.97 -14.98
N SER A 166 -38.81 6.41 -15.46
CA SER A 166 -38.79 5.28 -16.38
C SER A 166 -39.68 5.64 -17.55
N TRP A 167 -39.56 4.87 -18.63
CA TRP A 167 -40.33 5.09 -19.85
C TRP A 167 -41.15 3.85 -20.16
N ASN A 168 -42.43 4.05 -20.48
CA ASN A 168 -43.36 2.97 -20.83
C ASN A 168 -43.34 1.86 -19.79
N SER A 169 -43.44 2.28 -18.52
CA SER A 169 -43.51 1.36 -17.38
C SER A 169 -42.32 0.41 -17.34
N GLY A 170 -41.17 0.87 -17.81
CA GLY A 170 -39.96 0.07 -17.82
C GLY A 170 -39.71 -0.69 -19.12
N ALA A 171 -40.63 -0.62 -20.09
CA ALA A 171 -40.46 -1.34 -21.35
C ALA A 171 -39.61 -0.57 -22.36
N LEU A 172 -39.15 0.63 -22.03
CA LEU A 172 -38.27 1.41 -22.89
C LEU A 172 -37.05 1.83 -22.09
N THR A 173 -35.91 1.21 -22.39
CA THR A 173 -34.66 1.54 -21.71
C THR A 173 -33.54 1.82 -22.71
N SER A 174 -33.62 1.20 -23.90
CA SER A 174 -32.59 1.37 -24.91
C SER A 174 -32.59 2.81 -25.42
N GLY A 175 -31.44 3.48 -25.28
CA GLY A 175 -31.31 4.85 -25.72
C GLY A 175 -31.76 5.91 -24.75
N VAL A 176 -32.10 5.53 -23.52
CA VAL A 176 -32.59 6.48 -22.52
C VAL A 176 -31.42 7.10 -21.79
N HIS A 177 -31.50 8.42 -21.57
CA HIS A 177 -30.55 9.13 -20.73
C HIS A 177 -31.34 10.00 -19.76
N THR A 178 -31.25 9.70 -18.47
CA THR A 178 -31.81 10.53 -17.42
C THR A 178 -30.67 11.32 -16.79
N PHE A 179 -30.69 12.63 -16.94
CA PHE A 179 -29.55 13.43 -16.55
C PHE A 179 -29.55 13.69 -15.04
N PRO A 180 -28.37 13.82 -14.45
CA PRO A 180 -28.29 14.25 -13.05
C PRO A 180 -29.01 15.58 -12.86
N ALA A 181 -29.73 15.69 -11.74
CA ALA A 181 -30.43 16.92 -11.44
C ALA A 181 -29.44 18.05 -11.22
N VAL A 182 -29.84 19.27 -11.58
CA VAL A 182 -29.09 20.48 -11.27
C VAL A 182 -29.91 21.28 -10.28
N LEU A 183 -29.22 21.89 -9.32
CA LEU A 183 -29.86 22.71 -8.30
C LEU A 183 -29.98 24.13 -8.86
N GLN A 184 -31.22 24.54 -9.14
CA GLN A 184 -31.46 25.87 -9.68
C GLN A 184 -31.23 26.93 -8.60
N SER A 185 -31.14 28.19 -9.05
CA SER A 185 -30.94 29.29 -8.12
C SER A 185 -32.12 29.43 -7.15
N SER A 186 -33.29 28.90 -7.51
CA SER A 186 -34.45 28.91 -6.63
C SER A 186 -34.34 27.93 -5.47
N GLY A 187 -33.27 27.16 -5.39
CA GLY A 187 -33.15 26.14 -4.36
C GLY A 187 -33.83 24.83 -4.69
N LEU A 188 -34.58 24.76 -5.79
CA LEU A 188 -35.26 23.55 -6.21
C LEU A 188 -34.46 22.85 -7.30
N TYR A 189 -34.58 21.53 -7.34
CA TYR A 189 -33.86 20.75 -8.34
C TYR A 189 -34.65 20.69 -9.65
N SER A 190 -33.95 20.32 -10.71
CA SER A 190 -34.57 20.15 -12.02
C SER A 190 -33.72 19.18 -12.84
N LEU A 191 -34.37 18.33 -13.60
CA LEU A 191 -33.67 17.43 -14.50
C LEU A 191 -34.55 17.13 -15.71
N SER A 192 -33.92 16.55 -16.73
CA SER A 192 -34.60 16.08 -17.92
C SER A 192 -34.20 14.64 -18.17
N SER A 193 -35.14 13.87 -18.72
CA SER A 193 -34.90 12.50 -19.14
C SER A 193 -35.28 12.39 -20.61
N VAL A 194 -34.33 11.94 -21.43
CA VAL A 194 -34.53 11.89 -22.87
C VAL A 194 -34.30 10.48 -23.37
N VAL A 195 -34.76 10.23 -24.60
CA VAL A 195 -34.60 8.94 -25.27
C VAL A 195 -34.63 9.19 -26.77
N THR A 196 -33.77 8.47 -27.50
CA THR A 196 -33.75 8.53 -28.95
C THR A 196 -34.49 7.32 -29.52
N VAL A 197 -35.45 7.60 -30.40
CA VAL A 197 -36.26 6.57 -31.03
C VAL A 197 -36.24 6.80 -32.54
N PRO A 198 -36.59 5.79 -33.33
CA PRO A 198 -36.70 6.00 -34.78
C PRO A 198 -37.81 6.99 -35.11
N SER A 199 -37.57 7.76 -36.17
CA SER A 199 -38.53 8.78 -36.58
C SER A 199 -39.84 8.16 -37.08
N SER A 200 -39.76 6.97 -37.68
CA SER A 200 -40.94 6.35 -38.25
C SER A 200 -41.95 5.92 -37.19
N SER A 201 -41.49 5.70 -35.95
CA SER A 201 -42.38 5.22 -34.89
C SER A 201 -43.19 6.35 -34.25
N LEU A 202 -42.91 7.60 -34.59
CA LEU A 202 -43.48 8.72 -33.84
C LEU A 202 -45.01 8.78 -33.95
N GLY A 203 -45.59 8.19 -34.99
CA GLY A 203 -47.04 8.24 -35.12
C GLY A 203 -47.71 6.98 -34.63
N THR A 204 -46.95 5.89 -34.55
CA THR A 204 -47.53 4.58 -34.26
C THR A 204 -47.19 4.04 -32.88
N GLN A 205 -46.17 4.57 -32.22
CA GLN A 205 -45.74 4.11 -30.91
C GLN A 205 -45.91 5.23 -29.90
N THR A 206 -46.57 4.92 -28.78
CA THR A 206 -46.77 5.89 -27.72
C THR A 206 -45.57 5.90 -26.78
N TYR A 207 -45.31 7.06 -26.18
CA TYR A 207 -44.19 7.24 -25.26
C TYR A 207 -44.67 7.98 -24.03
N ILE A 208 -44.61 7.31 -22.89
CA ILE A 208 -44.99 7.89 -21.60
C ILE A 208 -43.78 7.81 -20.68
N CYS A 209 -43.47 8.92 -20.01
CA CYS A 209 -42.43 8.95 -18.99
C CYS A 209 -43.08 8.84 -17.62
N ASN A 210 -42.55 7.96 -16.78
CA ASN A 210 -43.11 7.67 -15.46
C ASN A 210 -42.23 8.33 -14.42
N VAL A 211 -42.74 9.39 -13.80
CA VAL A 211 -41.98 10.22 -12.87
C VAL A 211 -42.47 9.92 -11.46
N ASN A 212 -41.54 9.52 -10.59
CA ASN A 212 -41.85 9.20 -9.21
C ASN A 212 -40.97 10.05 -8.29
N HIS A 213 -41.58 10.71 -7.31
CA HIS A 213 -40.87 11.52 -6.33
C HIS A 213 -41.41 11.14 -4.96
N LYS A 214 -40.78 10.15 -4.33
CA LYS A 214 -41.27 9.62 -3.07
C LYS A 214 -41.42 10.66 -1.96
N PRO A 215 -40.49 11.61 -1.77
CA PRO A 215 -40.65 12.57 -0.66
C PRO A 215 -41.96 13.35 -0.68
N SER A 216 -42.59 13.52 -1.85
CA SER A 216 -43.85 14.24 -1.94
C SER A 216 -45.02 13.36 -2.37
N ASN A 217 -44.86 12.04 -2.37
CA ASN A 217 -45.92 11.10 -2.75
C ASN A 217 -46.49 11.42 -4.12
N THR A 218 -45.61 11.80 -5.04
CA THR A 218 -46.00 12.24 -6.37
C THR A 218 -45.70 11.15 -7.39
N LYS A 219 -46.68 10.84 -8.23
CA LYS A 219 -46.53 9.93 -9.37
C LYS A 219 -47.20 10.57 -10.57
N VAL A 220 -46.43 10.86 -11.60
CA VAL A 220 -46.93 11.52 -12.80
C VAL A 220 -46.57 10.68 -14.01
N ASP A 221 -47.58 10.35 -14.81
CA ASP A 221 -47.41 9.68 -16.10
C ASP A 221 -47.74 10.70 -17.19
N LYS A 222 -46.74 11.03 -18.01
CA LYS A 222 -46.88 12.10 -18.99
C LYS A 222 -46.63 11.54 -20.39
N LYS A 223 -47.63 11.68 -21.26
CA LYS A 223 -47.49 11.27 -22.65
C LYS A 223 -46.71 12.34 -23.42
N VAL A 224 -45.83 11.89 -24.31
CA VAL A 224 -44.98 12.79 -25.10
C VAL A 224 -45.27 12.50 -26.57
N GLU A 225 -46.12 13.33 -27.18
CA GLU A 225 -46.52 13.22 -28.57
C GLU A 225 -45.82 14.26 -29.42
N PRO A 226 -45.76 14.06 -30.73
CA PRO A 226 -45.31 15.15 -31.62
C PRO A 226 -46.28 16.32 -31.54
N LYS A 227 -45.71 17.53 -31.50
CA LYS A 227 -46.53 18.72 -31.34
C LYS A 227 -47.36 18.98 -32.60
N SER A 228 -48.61 19.38 -32.39
CA SER A 228 -49.53 19.67 -33.48
C SER A 228 -49.60 21.17 -33.73
N CYS A 229 -49.71 21.55 -35.00
CA CYS A 229 -49.68 22.95 -35.38
C CYS A 229 -50.94 23.34 -36.14
N ASP B 1 -6.06 4.99 13.91
CA ASP B 1 -6.81 4.95 12.65
C ASP B 1 -5.93 4.58 11.47
N ILE B 2 -6.30 3.50 10.79
CA ILE B 2 -5.57 3.06 9.61
C ILE B 2 -6.08 3.83 8.39
N GLN B 3 -5.19 4.52 7.72
CA GLN B 3 -5.51 5.28 6.53
C GLN B 3 -5.05 4.52 5.29
N LEU B 4 -5.91 4.49 4.28
CA LEU B 4 -5.63 3.84 3.02
C LEU B 4 -5.53 4.87 1.91
N THR B 5 -4.42 4.85 1.18
CA THR B 5 -4.15 5.81 0.10
C THR B 5 -4.22 5.07 -1.23
N GLN B 6 -5.16 5.49 -2.08
CA GLN B 6 -5.38 4.84 -3.37
C GLN B 6 -4.80 5.70 -4.47
N SER B 7 -3.94 5.09 -5.29
CA SER B 7 -3.35 5.77 -6.44
C SER B 7 -3.58 4.95 -7.69
N PRO B 8 -3.93 5.59 -8.82
CA PRO B 8 -4.18 7.04 -8.90
C PRO B 8 -5.59 7.41 -8.47
N SER B 9 -5.90 8.71 -8.43
CA SER B 9 -7.26 9.13 -8.16
C SER B 9 -8.16 8.85 -9.36
N PHE B 10 -7.66 9.11 -10.56
CA PHE B 10 -8.39 8.85 -11.80
C PHE B 10 -7.46 8.13 -12.78
N LEU B 11 -8.07 7.39 -13.70
CA LEU B 11 -7.32 6.83 -14.82
C LEU B 11 -8.28 6.57 -15.97
N SER B 12 -7.74 6.60 -17.19
CA SER B 12 -8.50 6.40 -18.41
C SER B 12 -7.76 5.42 -19.29
N ALA B 13 -8.36 4.25 -19.52
CA ALA B 13 -7.72 3.21 -20.30
C ALA B 13 -8.65 2.75 -21.41
N SER B 14 -8.07 2.10 -22.42
CA SER B 14 -8.81 1.60 -23.56
C SER B 14 -9.34 0.20 -23.28
N VAL B 15 -10.37 -0.18 -24.05
CA VAL B 15 -10.90 -1.53 -23.95
C VAL B 15 -9.84 -2.53 -24.38
N GLY B 16 -9.63 -3.56 -23.58
CA GLY B 16 -8.56 -4.51 -23.81
C GLY B 16 -7.27 -4.21 -23.11
N ASP B 17 -7.11 -2.99 -22.58
CA ASP B 17 -5.90 -2.64 -21.84
C ASP B 17 -5.85 -3.37 -20.50
N ARG B 18 -4.64 -3.46 -19.95
CA ARG B 18 -4.41 -4.01 -18.63
C ARG B 18 -4.31 -2.86 -17.65
N VAL B 19 -5.18 -2.84 -16.64
CA VAL B 19 -5.28 -1.75 -15.68
C VAL B 19 -4.78 -2.25 -14.33
N THR B 20 -4.07 -1.39 -13.61
CA THR B 20 -3.54 -1.71 -12.29
C THR B 20 -3.78 -0.54 -11.34
N ILE B 21 -4.41 -0.83 -10.21
CA ILE B 21 -4.74 0.15 -9.19
C ILE B 21 -4.02 -0.23 -7.91
N THR B 22 -3.45 0.77 -7.24
CA THR B 22 -2.65 0.56 -6.03
C THR B 22 -3.38 1.09 -4.81
N CYS B 23 -3.28 0.36 -3.70
CA CYS B 23 -3.80 0.78 -2.40
C CYS B 23 -2.70 0.57 -1.37
N ARG B 24 -2.28 1.66 -0.73
CA ARG B 24 -1.16 1.63 0.21
C ARG B 24 -1.67 1.97 1.60
N ALA B 25 -1.45 1.08 2.55
CA ALA B 25 -1.92 1.28 3.93
C ALA B 25 -0.86 1.98 4.76
N SER B 26 -1.33 2.82 5.68
CA SER B 26 -0.42 3.56 6.55
C SER B 26 0.37 2.65 7.48
N GLN B 27 -0.09 1.42 7.72
CA GLN B 27 0.67 0.44 8.47
C GLN B 27 0.54 -0.90 7.73
N GLY B 28 1.26 -1.93 8.19
CA GLY B 28 1.12 -3.23 7.56
C GLY B 28 -0.02 -4.06 8.11
N ILE B 29 -1.00 -4.41 7.28
CA ILE B 29 -2.19 -5.13 7.72
C ILE B 29 -2.24 -6.52 7.10
N SER B 30 -1.07 -7.09 6.84
CA SER B 30 -0.93 -8.45 6.33
C SER B 30 -1.73 -8.62 5.03
N SER B 31 -2.81 -9.41 5.08
CA SER B 31 -3.67 -9.65 3.93
C SER B 31 -5.12 -9.29 4.22
N TYR B 32 -5.32 -8.36 5.16
CA TYR B 32 -6.66 -7.96 5.58
C TYR B 32 -7.16 -6.80 4.71
N LEU B 33 -7.38 -7.10 3.44
CA LEU B 33 -7.81 -6.09 2.49
C LEU B 33 -8.87 -6.65 1.56
N ALA B 34 -9.83 -5.82 1.18
CA ALA B 34 -10.86 -6.16 0.23
C ALA B 34 -11.00 -5.05 -0.81
N TRP B 35 -11.50 -5.42 -1.98
CA TRP B 35 -11.71 -4.49 -3.08
C TRP B 35 -13.19 -4.43 -3.44
N TYR B 36 -13.67 -3.22 -3.74
CA TYR B 36 -15.06 -3.01 -4.13
C TYR B 36 -15.12 -2.27 -5.45
N GLN B 37 -16.19 -2.52 -6.20
CA GLN B 37 -16.49 -1.83 -7.45
C GLN B 37 -17.83 -1.13 -7.29
N GLN B 38 -17.85 0.18 -7.51
CA GLN B 38 -19.08 0.96 -7.40
C GLN B 38 -19.37 1.61 -8.75
N LYS B 39 -20.44 1.20 -9.37
CA LYS B 39 -20.92 1.83 -10.59
C LYS B 39 -21.89 2.95 -10.25
N PRO B 40 -22.05 3.94 -11.14
CA PRO B 40 -22.87 5.11 -10.82
C PRO B 40 -24.27 4.73 -10.34
N GLY B 41 -24.70 5.35 -9.24
CA GLY B 41 -26.02 5.13 -8.70
C GLY B 41 -26.23 3.80 -8.02
N LYS B 42 -25.21 2.95 -7.96
CA LYS B 42 -25.32 1.63 -7.37
C LYS B 42 -24.50 1.55 -6.09
N ALA B 43 -24.88 0.62 -5.21
CA ALA B 43 -24.08 0.32 -4.04
C ALA B 43 -22.77 -0.33 -4.48
N PRO B 44 -21.72 -0.22 -3.65
CA PRO B 44 -20.48 -0.92 -3.97
C PRO B 44 -20.67 -2.43 -3.98
N LYS B 45 -19.94 -3.10 -4.86
CA LYS B 45 -20.03 -4.54 -5.04
C LYS B 45 -18.70 -5.18 -4.69
N LEU B 46 -18.74 -6.21 -3.85
CA LEU B 46 -17.51 -6.87 -3.43
C LEU B 46 -16.88 -7.60 -4.60
N LEU B 47 -15.58 -7.37 -4.81
CA LEU B 47 -14.81 -8.05 -5.85
C LEU B 47 -13.82 -9.04 -5.25
N ILE B 48 -12.92 -8.57 -4.40
CA ILE B 48 -11.86 -9.38 -3.81
C ILE B 48 -11.93 -9.22 -2.30
N TYR B 49 -11.65 -10.30 -1.57
CA TYR B 49 -11.45 -10.24 -0.13
C TYR B 49 -10.20 -11.04 0.20
N ALA B 50 -9.65 -10.78 1.39
CA ALA B 50 -8.39 -11.38 1.82
C ALA B 50 -7.29 -11.13 0.79
N ALA B 51 -7.29 -9.91 0.24
CA ALA B 51 -6.28 -9.41 -0.70
C ALA B 51 -6.34 -10.06 -2.07
N SER B 52 -6.54 -11.38 -2.15
CA SER B 52 -6.44 -12.06 -3.43
C SER B 52 -7.52 -13.08 -3.71
N THR B 53 -8.50 -13.27 -2.82
CA THR B 53 -9.55 -14.25 -3.04
C THR B 53 -10.70 -13.61 -3.81
N LEU B 54 -10.95 -14.10 -5.02
CA LEU B 54 -12.00 -13.55 -5.86
C LEU B 54 -13.38 -13.97 -5.34
N GLN B 55 -14.30 -13.01 -5.33
CA GLN B 55 -15.66 -13.27 -4.85
C GLN B 55 -16.44 -14.08 -5.88
N SER B 56 -17.23 -15.03 -5.41
CA SER B 56 -18.04 -15.87 -6.28
C SER B 56 -18.99 -15.01 -7.11
N GLY B 57 -18.84 -15.09 -8.43
CA GLY B 57 -19.64 -14.30 -9.34
C GLY B 57 -18.96 -13.07 -9.89
N VAL B 58 -17.64 -12.98 -9.81
CA VAL B 58 -16.86 -11.86 -10.34
C VAL B 58 -16.05 -12.38 -11.53
N PRO B 59 -16.01 -11.66 -12.65
CA PRO B 59 -15.25 -12.14 -13.81
C PRO B 59 -13.78 -12.42 -13.45
N SER B 60 -13.21 -13.43 -14.11
CA SER B 60 -11.84 -13.84 -13.82
C SER B 60 -10.80 -12.82 -14.25
N ARG B 61 -11.19 -11.83 -15.07
CA ARG B 61 -10.24 -10.78 -15.44
C ARG B 61 -9.87 -9.89 -14.27
N PHE B 62 -10.65 -9.92 -13.19
CA PHE B 62 -10.30 -9.22 -11.96
C PHE B 62 -9.40 -10.09 -11.11
N SER B 63 -8.45 -9.46 -10.42
CA SER B 63 -7.53 -10.18 -9.56
C SER B 63 -6.89 -9.20 -8.59
N GLY B 64 -6.64 -9.67 -7.38
CA GLY B 64 -5.94 -8.88 -6.39
C GLY B 64 -4.67 -9.57 -5.92
N SER B 65 -3.71 -8.80 -5.43
CA SER B 65 -2.49 -9.36 -4.89
C SER B 65 -1.84 -8.32 -3.98
N GLY B 66 -0.88 -8.80 -3.19
CA GLY B 66 -0.20 -7.91 -2.26
C GLY B 66 -0.23 -8.40 -0.83
N SER B 67 0.68 -7.89 -0.02
CA SER B 67 0.78 -8.27 1.38
C SER B 67 1.55 -7.18 2.12
N GLY B 68 1.12 -6.89 3.33
CA GLY B 68 1.80 -5.87 4.14
C GLY B 68 1.18 -4.49 3.96
N THR B 69 1.88 -3.61 3.24
CA THR B 69 1.48 -2.22 3.10
C THR B 69 0.95 -1.86 1.71
N GLU B 70 1.37 -2.56 0.66
CA GLU B 70 1.01 -2.19 -0.70
C GLU B 70 0.21 -3.33 -1.35
N PHE B 71 -0.92 -2.98 -1.94
CA PHE B 71 -1.81 -3.94 -2.59
C PHE B 71 -2.22 -3.40 -3.96
N THR B 72 -2.44 -4.31 -4.90
CA THR B 72 -2.80 -3.94 -6.26
C THR B 72 -4.03 -4.71 -6.73
N LEU B 73 -4.92 -4.01 -7.42
CA LEU B 73 -6.05 -4.61 -8.12
C LEU B 73 -5.80 -4.51 -9.62
N THR B 74 -5.93 -5.62 -10.33
CA THR B 74 -5.58 -5.70 -11.74
C THR B 74 -6.78 -6.18 -12.55
N ILE B 75 -7.10 -5.43 -13.61
CA ILE B 75 -8.08 -5.83 -14.61
C ILE B 75 -7.30 -6.19 -15.87
N SER B 76 -7.22 -7.48 -16.18
CA SER B 76 -6.33 -7.94 -17.25
C SER B 76 -6.79 -7.46 -18.62
N SER B 77 -8.10 -7.34 -18.84
CA SER B 77 -8.63 -6.91 -20.13
C SER B 77 -9.85 -6.02 -19.83
N LEU B 78 -9.66 -4.71 -19.94
CA LEU B 78 -10.70 -3.76 -19.56
C LEU B 78 -11.86 -3.84 -20.53
N GLN B 79 -13.07 -3.91 -19.99
CA GLN B 79 -14.30 -3.96 -20.75
C GLN B 79 -15.11 -2.69 -20.55
N PRO B 80 -16.01 -2.35 -21.49
CA PRO B 80 -16.80 -1.11 -21.32
C PRO B 80 -17.62 -1.09 -20.04
N GLU B 81 -18.15 -2.24 -19.62
CA GLU B 81 -18.96 -2.30 -18.40
C GLU B 81 -18.12 -2.13 -17.14
N ASP B 82 -16.79 -2.15 -17.23
CA ASP B 82 -15.92 -2.01 -16.07
C ASP B 82 -15.75 -0.55 -15.64
N PHE B 83 -16.46 0.39 -16.25
CA PHE B 83 -16.43 1.78 -15.83
C PHE B 83 -17.02 1.92 -14.43
N ALA B 84 -16.19 2.30 -13.47
CA ALA B 84 -16.63 2.39 -12.08
C ALA B 84 -15.56 3.10 -11.26
N THR B 85 -15.89 3.34 -9.99
CA THR B 85 -14.94 3.79 -8.98
C THR B 85 -14.65 2.62 -8.06
N TYR B 86 -13.39 2.23 -7.96
CA TYR B 86 -12.98 1.06 -7.19
C TYR B 86 -12.40 1.49 -5.86
N TYR B 87 -12.82 0.83 -4.78
CA TYR B 87 -12.41 1.15 -3.43
C TYR B 87 -11.74 -0.05 -2.79
N CYS B 88 -10.68 0.21 -2.02
CA CYS B 88 -10.11 -0.80 -1.14
C CYS B 88 -10.60 -0.57 0.29
N GLN B 89 -10.59 -1.63 1.09
CA GLN B 89 -11.01 -1.55 2.48
C GLN B 89 -10.12 -2.44 3.33
N GLN B 90 -9.66 -1.91 4.45
CA GLN B 90 -8.91 -2.69 5.43
C GLN B 90 -9.88 -3.38 6.38
N LEU B 91 -9.60 -4.65 6.67
CA LEU B 91 -10.47 -5.48 7.50
C LEU B 91 -9.68 -6.14 8.61
N ASN B 92 -8.93 -5.34 9.37
CA ASN B 92 -8.05 -5.85 10.41
C ASN B 92 -8.30 -5.13 11.72
N SER B 93 -8.62 -3.85 11.65
CA SER B 93 -8.63 -2.98 12.82
C SER B 93 -9.85 -2.06 12.76
N TYR B 94 -10.36 -1.71 13.94
CA TYR B 94 -11.47 -0.77 14.01
C TYR B 94 -10.95 0.63 14.35
N PRO B 95 -11.54 1.69 13.79
CA PRO B 95 -12.71 1.65 12.91
C PRO B 95 -12.41 1.20 11.48
N LEU B 96 -13.38 0.55 10.85
CA LEU B 96 -13.21 0.10 9.47
C LEU B 96 -13.14 1.30 8.54
N THR B 97 -12.17 1.27 7.63
CA THR B 97 -11.86 2.41 6.78
C THR B 97 -11.70 1.96 5.33
N PHE B 98 -12.00 2.87 4.41
CA PHE B 98 -11.86 2.64 2.98
C PHE B 98 -10.80 3.55 2.40
N GLY B 99 -10.30 3.17 1.23
CA GLY B 99 -9.47 4.08 0.45
C GLY B 99 -10.32 5.15 -0.21
N GLY B 100 -9.62 6.08 -0.86
CA GLY B 100 -10.28 7.22 -1.49
C GLY B 100 -10.97 6.91 -2.80
N GLY B 101 -10.68 5.75 -3.40
CA GLY B 101 -11.30 5.35 -4.65
C GLY B 101 -10.52 5.75 -5.88
N THR B 102 -10.59 4.91 -6.92
CA THR B 102 -9.96 5.17 -8.21
C THR B 102 -11.04 5.12 -9.26
N LYS B 103 -11.35 6.26 -9.87
CA LYS B 103 -12.36 6.32 -10.91
C LYS B 103 -11.74 5.90 -12.24
N VAL B 104 -12.29 4.87 -12.86
CA VAL B 104 -11.76 4.29 -14.08
C VAL B 104 -12.68 4.69 -15.23
N GLU B 105 -12.18 5.53 -16.12
CA GLU B 105 -12.87 5.90 -17.34
C GLU B 105 -12.43 5.01 -18.50
N ILE B 106 -13.29 4.86 -19.48
CA ILE B 106 -13.00 4.09 -20.69
C ILE B 106 -12.59 5.06 -21.79
N LYS B 107 -11.50 4.75 -22.48
CA LYS B 107 -11.04 5.51 -23.63
C LYS B 107 -11.52 4.83 -24.91
N ARG B 108 -12.00 5.64 -25.85
CA ARG B 108 -12.53 5.11 -27.09
C ARG B 108 -12.29 6.14 -28.20
N THR B 109 -12.75 5.82 -29.40
CA THR B 109 -12.61 6.72 -30.53
C THR B 109 -13.49 7.94 -30.36
N VAL B 110 -13.04 9.07 -30.94
CA VAL B 110 -13.82 10.30 -30.88
C VAL B 110 -15.17 10.08 -31.54
N ALA B 111 -16.22 10.59 -30.89
CA ALA B 111 -17.59 10.48 -31.38
C ALA B 111 -18.25 11.84 -31.30
N ALA B 112 -18.72 12.34 -32.43
CA ALA B 112 -19.41 13.63 -32.47
C ALA B 112 -20.78 13.50 -31.80
N PRO B 113 -21.29 14.60 -31.25
CA PRO B 113 -22.62 14.55 -30.63
C PRO B 113 -23.74 14.79 -31.63
N SER B 114 -24.86 14.10 -31.41
CA SER B 114 -26.10 14.46 -32.05
C SER B 114 -26.76 15.56 -31.23
N VAL B 115 -27.24 16.60 -31.91
CA VAL B 115 -27.75 17.78 -31.23
C VAL B 115 -29.24 17.92 -31.50
N PHE B 116 -30.01 18.18 -30.46
CA PHE B 116 -31.44 18.44 -30.55
C PHE B 116 -31.77 19.65 -29.69
N ILE B 117 -32.79 20.39 -30.10
CA ILE B 117 -33.26 21.57 -29.36
C ILE B 117 -34.76 21.44 -29.14
N PHE B 118 -35.20 21.75 -27.93
CA PHE B 118 -36.59 21.57 -27.53
C PHE B 118 -37.18 22.90 -27.08
N PRO B 119 -38.27 23.36 -27.68
CA PRO B 119 -38.91 24.59 -27.22
C PRO B 119 -39.61 24.36 -25.89
N PRO B 120 -39.93 25.42 -25.15
CA PRO B 120 -40.73 25.25 -23.94
C PRO B 120 -42.15 24.86 -24.30
N SER B 121 -42.67 23.84 -23.62
CA SER B 121 -44.01 23.37 -23.90
C SER B 121 -45.04 24.45 -23.57
N ASP B 122 -46.18 24.39 -24.27
CA ASP B 122 -47.27 25.32 -23.99
C ASP B 122 -47.77 25.16 -22.56
N GLU B 123 -47.62 23.98 -21.97
CA GLU B 123 -48.03 23.77 -20.59
C GLU B 123 -47.15 24.57 -19.63
N GLN B 124 -45.85 24.65 -19.92
CA GLN B 124 -44.95 25.39 -19.04
C GLN B 124 -45.11 26.90 -19.22
N LEU B 125 -45.32 27.36 -20.45
CA LEU B 125 -45.55 28.79 -20.68
C LEU B 125 -46.78 29.27 -19.93
N LYS B 126 -47.74 28.38 -19.67
CA LYS B 126 -48.89 28.72 -18.86
C LYS B 126 -48.50 29.01 -17.41
N SER B 127 -47.30 28.58 -17.00
CA SER B 127 -46.83 28.76 -15.63
C SER B 127 -46.00 30.02 -15.43
N GLY B 128 -45.65 30.73 -16.51
CA GLY B 128 -44.87 31.95 -16.39
C GLY B 128 -43.37 31.79 -16.56
N THR B 129 -42.88 30.56 -16.70
CA THR B 129 -41.47 30.29 -16.90
C THR B 129 -41.28 29.51 -18.19
N ALA B 130 -40.21 29.81 -18.92
CA ALA B 130 -39.89 29.11 -20.16
C ALA B 130 -38.54 28.42 -20.01
N SER B 131 -38.50 27.14 -20.32
CA SER B 131 -37.26 26.36 -20.34
C SER B 131 -37.00 25.88 -21.75
N VAL B 132 -35.79 26.14 -22.25
CA VAL B 132 -35.35 25.68 -23.55
C VAL B 132 -34.22 24.70 -23.33
N VAL B 133 -34.41 23.45 -23.78
CA VAL B 133 -33.45 22.37 -23.54
C VAL B 133 -32.73 22.05 -24.83
N CYS B 134 -31.41 21.90 -24.73
CA CYS B 134 -30.55 21.50 -25.85
C CYS B 134 -29.83 20.22 -25.45
N LEU B 135 -29.92 19.20 -26.31
CA LEU B 135 -29.39 17.87 -26.01
C LEU B 135 -28.20 17.56 -26.88
N LEU B 136 -27.10 17.15 -26.25
CA LEU B 136 -25.92 16.63 -26.94
C LEU B 136 -25.83 15.15 -26.60
N ASN B 137 -26.00 14.28 -27.60
CA ASN B 137 -26.25 12.87 -27.38
C ASN B 137 -25.10 12.01 -27.87
N ASN B 138 -24.60 11.13 -27.00
CA ASN B 138 -23.69 10.04 -27.35
C ASN B 138 -22.44 10.56 -28.05
N PHE B 139 -21.62 11.28 -27.28
CA PHE B 139 -20.37 11.84 -27.78
C PHE B 139 -19.22 11.44 -26.87
N TYR B 140 -18.01 11.46 -27.44
CA TYR B 140 -16.77 11.21 -26.72
C TYR B 140 -15.70 12.03 -27.42
N PRO B 141 -14.82 12.71 -26.68
CA PRO B 141 -14.71 12.72 -25.22
C PRO B 141 -15.72 13.62 -24.50
N ARG B 142 -15.54 13.75 -23.19
CA ARG B 142 -16.53 14.41 -22.34
C ARG B 142 -16.62 15.91 -22.60
N GLU B 143 -15.54 16.53 -23.05
CA GLU B 143 -15.50 17.99 -23.17
C GLU B 143 -16.33 18.45 -24.36
N ALA B 144 -17.28 19.35 -24.10
CA ALA B 144 -18.08 19.94 -25.16
C ALA B 144 -18.47 21.35 -24.74
N LYS B 145 -18.77 22.19 -25.73
CA LYS B 145 -19.05 23.59 -25.52
C LYS B 145 -20.39 23.95 -26.14
N VAL B 146 -21.26 24.57 -25.36
CA VAL B 146 -22.62 24.90 -25.79
C VAL B 146 -22.84 26.38 -25.58
N GLN B 147 -23.09 27.11 -26.67
CA GLN B 147 -23.40 28.53 -26.63
C GLN B 147 -24.88 28.73 -26.96
N TRP B 148 -25.55 29.57 -26.18
CA TRP B 148 -26.94 29.92 -26.41
C TRP B 148 -27.03 31.28 -27.06
N LYS B 149 -27.72 31.35 -28.20
CA LYS B 149 -27.95 32.59 -28.92
C LYS B 149 -29.44 32.84 -29.03
N VAL B 150 -29.87 34.02 -28.62
CA VAL B 150 -31.27 34.43 -28.69
C VAL B 150 -31.32 35.68 -29.55
N ASP B 151 -31.82 35.55 -30.78
CA ASP B 151 -31.72 36.60 -31.79
C ASP B 151 -30.26 36.98 -32.04
N ASN B 152 -29.42 35.96 -32.18
CA ASN B 152 -27.97 36.09 -32.38
C ASN B 152 -27.28 36.81 -31.23
N ALA B 153 -27.93 36.91 -30.08
CA ALA B 153 -27.34 37.50 -28.89
C ALA B 153 -26.88 36.37 -27.98
N LEU B 154 -25.56 36.24 -27.82
CA LEU B 154 -25.00 35.18 -26.98
C LEU B 154 -25.45 35.36 -25.53
N GLN B 155 -26.03 34.30 -24.98
CA GLN B 155 -26.51 34.32 -23.60
C GLN B 155 -25.44 33.85 -22.64
N SER B 156 -25.51 34.36 -21.41
CA SER B 156 -24.64 33.89 -20.34
C SER B 156 -25.29 34.22 -19.01
N GLY B 157 -25.16 33.31 -18.05
CA GLY B 157 -25.72 33.47 -16.73
C GLY B 157 -27.10 32.88 -16.54
N ASN B 158 -27.72 32.36 -17.61
CA ASN B 158 -29.09 31.85 -17.54
C ASN B 158 -29.21 30.42 -18.05
N SER B 159 -28.12 29.65 -18.02
CA SER B 159 -28.14 28.28 -18.53
C SER B 159 -27.35 27.38 -17.59
N GLN B 160 -27.84 26.17 -17.39
CA GLN B 160 -27.18 25.16 -16.59
C GLN B 160 -27.02 23.89 -17.40
N GLU B 161 -25.93 23.17 -17.14
CA GLU B 161 -25.60 21.95 -17.87
C GLU B 161 -25.62 20.74 -16.94
N SER B 162 -25.70 19.57 -17.55
CA SER B 162 -25.73 18.30 -16.83
C SER B 162 -25.23 17.21 -17.76
N VAL B 163 -24.32 16.38 -17.27
CA VAL B 163 -23.66 15.35 -18.07
C VAL B 163 -23.89 14.00 -17.42
N THR B 164 -24.32 13.02 -18.21
CA THR B 164 -24.48 11.67 -17.70
C THR B 164 -23.11 11.02 -17.46
N GLU B 165 -23.10 10.03 -16.58
CA GLU B 165 -21.92 9.19 -16.45
C GLU B 165 -21.71 8.40 -17.74
N GLN B 166 -20.49 7.89 -17.89
CA GLN B 166 -20.13 7.20 -19.13
C GLN B 166 -21.03 5.99 -19.35
N ASP B 167 -21.50 5.84 -20.59
CA ASP B 167 -22.44 4.78 -20.92
C ASP B 167 -21.74 3.42 -20.86
N SER B 168 -22.39 2.45 -20.22
CA SER B 168 -21.76 1.16 -19.97
C SER B 168 -21.68 0.28 -21.20
N LYS B 169 -22.11 0.74 -22.37
CA LYS B 169 -22.14 -0.10 -23.56
C LYS B 169 -21.39 0.48 -24.75
N ASP B 170 -21.51 1.79 -25.01
CA ASP B 170 -20.70 2.44 -26.03
C ASP B 170 -19.67 3.42 -25.47
N SER B 171 -19.66 3.66 -24.16
CA SER B 171 -18.68 4.48 -23.48
C SER B 171 -18.78 5.96 -23.86
N THR B 172 -19.96 6.41 -24.29
CA THR B 172 -20.16 7.81 -24.66
C THR B 172 -20.76 8.60 -23.51
N TYR B 173 -20.86 9.90 -23.72
CA TYR B 173 -21.47 10.83 -22.78
C TYR B 173 -22.64 11.52 -23.44
N SER B 174 -23.52 12.08 -22.61
CA SER B 174 -24.60 12.93 -23.09
C SER B 174 -24.69 14.14 -22.18
N LEU B 175 -25.07 15.28 -22.77
CA LEU B 175 -25.15 16.54 -22.07
C LEU B 175 -26.47 17.22 -22.41
N SER B 176 -27.08 17.84 -21.40
CA SER B 176 -28.25 18.68 -21.59
C SER B 176 -27.97 20.07 -21.04
N SER B 177 -28.35 21.09 -21.80
CA SER B 177 -28.22 22.48 -21.40
C SER B 177 -29.60 23.11 -21.39
N THR B 178 -30.00 23.66 -20.26
CA THR B 178 -31.32 24.24 -20.08
C THR B 178 -31.19 25.76 -20.00
N LEU B 179 -31.87 26.45 -20.91
CA LEU B 179 -31.94 27.91 -20.90
C LEU B 179 -33.23 28.33 -20.21
N THR B 180 -33.12 29.02 -19.08
CA THR B 180 -34.28 29.43 -18.30
C THR B 180 -34.58 30.90 -18.56
N LEU B 181 -35.83 31.19 -18.92
CA LEU B 181 -36.27 32.55 -19.19
C LEU B 181 -37.64 32.76 -18.56
N SER B 182 -38.03 34.03 -18.44
CA SER B 182 -39.39 34.35 -18.05
C SER B 182 -40.29 34.30 -19.29
N LYS B 183 -41.58 34.03 -19.05
CA LYS B 183 -42.52 33.97 -20.17
C LYS B 183 -42.53 35.29 -20.94
N ALA B 184 -42.39 36.41 -20.24
CA ALA B 184 -42.34 37.71 -20.90
C ALA B 184 -41.08 37.84 -21.75
N ASP B 185 -39.92 37.54 -21.17
CA ASP B 185 -38.67 37.63 -21.93
C ASP B 185 -38.64 36.64 -23.08
N TYR B 186 -39.25 35.46 -22.91
CA TYR B 186 -39.27 34.48 -23.98
C TYR B 186 -40.06 34.99 -25.18
N GLU B 187 -41.16 35.70 -24.93
CA GLU B 187 -42.02 36.19 -26.00
C GLU B 187 -41.47 37.43 -26.70
N LYS B 188 -40.40 38.05 -26.17
CA LYS B 188 -39.84 39.24 -26.79
C LYS B 188 -38.92 38.93 -27.97
N HIS B 189 -38.33 37.74 -28.01
CA HIS B 189 -37.38 37.37 -29.06
C HIS B 189 -37.95 36.20 -29.87
N LYS B 190 -37.33 35.94 -31.03
CA LYS B 190 -37.84 34.97 -31.98
C LYS B 190 -36.91 33.77 -32.16
N VAL B 191 -35.70 33.97 -32.66
CA VAL B 191 -34.83 32.85 -33.01
C VAL B 191 -34.10 32.38 -31.76
N TYR B 192 -34.26 31.09 -31.44
CA TYR B 192 -33.56 30.45 -30.34
C TYR B 192 -32.66 29.37 -30.91
N ALA B 193 -31.40 29.34 -30.47
CA ALA B 193 -30.44 28.40 -31.00
C ALA B 193 -29.41 28.05 -29.94
N CYS B 194 -28.97 26.79 -29.94
CA CYS B 194 -27.76 26.39 -29.23
C CYS B 194 -26.71 25.98 -30.25
N GLU B 195 -25.51 26.51 -30.09
CA GLU B 195 -24.39 26.22 -30.97
C GLU B 195 -23.41 25.31 -30.24
N VAL B 196 -23.11 24.17 -30.84
CA VAL B 196 -22.33 23.11 -30.20
C VAL B 196 -21.00 22.97 -30.92
N THR B 197 -19.92 22.89 -30.14
CA THR B 197 -18.60 22.58 -30.68
C THR B 197 -18.01 21.42 -29.88
N HIS B 198 -17.20 20.61 -30.56
CA HIS B 198 -16.70 19.36 -29.99
C HIS B 198 -15.56 18.86 -30.86
N GLN B 199 -14.74 17.98 -30.27
CA GLN B 199 -13.60 17.43 -31.01
C GLN B 199 -14.04 16.71 -32.27
N GLY B 200 -15.18 16.04 -32.22
CA GLY B 200 -15.69 15.30 -33.36
C GLY B 200 -16.40 16.11 -34.41
N LEU B 201 -16.56 17.41 -34.20
CA LEU B 201 -17.22 18.30 -35.16
C LEU B 201 -16.16 19.18 -35.82
N SER B 202 -16.11 19.15 -37.16
CA SER B 202 -15.18 19.98 -37.90
C SER B 202 -15.62 21.43 -37.98
N SER B 203 -16.87 21.73 -37.62
CA SER B 203 -17.38 23.10 -37.57
C SER B 203 -18.62 23.10 -36.69
N PRO B 204 -18.98 24.25 -36.12
CA PRO B 204 -20.06 24.27 -35.13
C PRO B 204 -21.40 23.81 -35.70
N VAL B 205 -22.16 23.09 -34.88
CA VAL B 205 -23.50 22.65 -35.22
C VAL B 205 -24.51 23.52 -34.49
N THR B 206 -25.47 24.07 -35.22
CA THR B 206 -26.48 24.96 -34.65
C THR B 206 -27.86 24.37 -34.93
N LYS B 207 -28.55 23.97 -33.87
CA LYS B 207 -29.96 23.59 -33.95
C LYS B 207 -30.80 24.75 -33.42
N SER B 208 -31.76 25.19 -34.23
CA SER B 208 -32.53 26.38 -33.89
C SER B 208 -34.01 26.15 -34.18
N PHE B 209 -34.84 26.94 -33.51
CA PHE B 209 -36.27 26.99 -33.80
C PHE B 209 -36.73 28.43 -33.69
N ASN B 210 -37.88 28.71 -34.31
CA ASN B 210 -38.51 30.02 -34.26
C ASN B 210 -39.69 29.96 -33.31
N ARG B 211 -39.69 30.85 -32.31
CA ARG B 211 -40.77 30.89 -31.33
C ARG B 211 -42.11 31.07 -32.02
N GLY B 212 -43.00 30.09 -31.83
CA GLY B 212 -44.32 30.15 -32.43
C GLY B 212 -44.40 29.39 -33.74
N GLU B 213 -43.45 29.62 -34.63
CA GLU B 213 -43.46 28.94 -35.92
C GLU B 213 -43.27 27.44 -35.74
N CYS B 214 -44.18 26.67 -36.34
CA CYS B 214 -44.17 25.22 -36.26
C CYS B 214 -42.83 24.61 -36.66
N ASN C 16 -27.17 -14.65 58.80
CA ASN C 16 -27.76 -14.18 57.56
C ASN C 16 -27.39 -15.10 56.38
N LEU C 17 -27.65 -14.62 55.17
CA LEU C 17 -27.46 -15.40 53.95
C LEU C 17 -26.08 -15.13 53.35
N CYS C 18 -25.59 -16.11 52.59
CA CYS C 18 -24.29 -15.97 51.95
C CYS C 18 -24.40 -15.17 50.65
N PRO C 19 -23.38 -14.36 50.33
CA PRO C 19 -23.47 -13.46 49.17
C PRO C 19 -23.08 -14.12 47.85
N PHE C 20 -23.80 -15.18 47.48
CA PHE C 20 -23.55 -15.84 46.21
C PHE C 20 -24.03 -15.00 45.04
N GLY C 21 -24.97 -14.08 45.25
CA GLY C 21 -25.38 -13.18 44.19
C GLY C 21 -24.27 -12.25 43.75
N GLU C 22 -23.45 -11.81 44.71
CA GLU C 22 -22.33 -10.93 44.38
C GLU C 22 -21.34 -11.61 43.44
N VAL C 23 -21.22 -12.94 43.52
CA VAL C 23 -20.23 -13.67 42.74
C VAL C 23 -20.79 -14.02 41.38
N PHE C 24 -21.93 -14.72 41.36
CA PHE C 24 -22.47 -15.24 40.10
C PHE C 24 -22.98 -14.12 39.19
N ASN C 25 -23.56 -13.08 39.77
CA ASN C 25 -24.22 -12.02 39.00
C ASN C 25 -23.40 -10.75 38.90
N ALA C 26 -22.07 -10.86 39.01
CA ALA C 26 -21.22 -9.67 38.92
C ALA C 26 -21.23 -9.11 37.51
N THR C 27 -21.19 -7.78 37.42
CA THR C 27 -21.23 -7.12 36.11
C THR C 27 -19.97 -7.42 35.30
N ARG C 28 -18.82 -7.51 35.96
CA ARG C 28 -17.55 -7.78 35.30
C ARG C 28 -16.83 -8.91 36.02
N PHE C 29 -16.28 -9.84 35.23
CA PHE C 29 -15.48 -10.93 35.75
C PHE C 29 -14.00 -10.65 35.53
N ALA C 30 -13.16 -11.32 36.32
CA ALA C 30 -11.73 -11.15 36.22
C ALA C 30 -11.17 -11.98 35.06
N SER C 31 -9.99 -11.60 34.59
CA SER C 31 -9.26 -12.44 33.67
C SER C 31 -8.76 -13.68 34.40
N VAL C 32 -8.60 -14.78 33.65
CA VAL C 32 -8.26 -16.05 34.29
C VAL C 32 -6.87 -16.00 34.90
N TYR C 33 -5.94 -15.24 34.29
CA TYR C 33 -4.61 -15.16 34.88
C TYR C 33 -4.63 -14.42 36.21
N ALA C 34 -5.58 -13.50 36.38
CA ALA C 34 -5.76 -12.80 37.64
C ALA C 34 -7.10 -13.17 38.27
N TRP C 35 -7.35 -14.47 38.39
CA TRP C 35 -8.64 -14.95 38.86
C TRP C 35 -8.94 -14.43 40.27
N ASN C 36 -10.19 -14.05 40.49
CA ASN C 36 -10.63 -13.51 41.76
C ASN C 36 -10.99 -14.64 42.72
N ARG C 37 -10.85 -14.35 44.02
CA ARG C 37 -11.24 -15.29 45.07
C ARG C 37 -11.96 -14.51 46.16
N LYS C 38 -13.21 -14.90 46.45
CA LYS C 38 -13.99 -14.30 47.51
C LYS C 38 -14.17 -15.32 48.62
N ARG C 39 -13.63 -15.01 49.80
CA ARG C 39 -13.78 -15.87 50.97
C ARG C 39 -15.16 -15.65 51.57
N ILE C 40 -15.94 -16.72 51.67
CA ILE C 40 -17.31 -16.65 52.14
C ILE C 40 -17.34 -17.21 53.57
N SER C 41 -17.63 -16.34 54.53
CA SER C 41 -17.55 -16.67 55.95
C SER C 41 -18.77 -16.14 56.69
N ASN C 42 -19.13 -16.85 57.75
CA ASN C 42 -20.19 -16.43 58.68
C ASN C 42 -21.49 -16.10 57.95
N CYS C 43 -22.09 -17.15 57.39
CA CYS C 43 -23.36 -17.01 56.69
C CYS C 43 -23.95 -18.39 56.43
N VAL C 44 -25.24 -18.40 56.11
CA VAL C 44 -25.98 -19.61 55.80
C VAL C 44 -26.16 -19.68 54.29
N ALA C 45 -25.58 -20.68 53.65
CA ALA C 45 -25.60 -20.81 52.20
C ALA C 45 -26.82 -21.61 51.75
N ASP C 46 -27.59 -21.03 50.84
CA ASP C 46 -28.76 -21.71 50.25
C ASP C 46 -28.33 -22.29 48.91
N TYR C 47 -27.73 -23.48 48.97
CA TYR C 47 -27.19 -24.12 47.77
C TYR C 47 -28.27 -24.68 46.86
N SER C 48 -29.48 -24.89 47.38
CA SER C 48 -30.55 -25.47 46.56
C SER C 48 -30.84 -24.61 45.34
N VAL C 49 -30.86 -23.28 45.51
CA VAL C 49 -31.18 -22.38 44.42
C VAL C 49 -30.15 -22.49 43.30
N LEU C 50 -28.88 -22.65 43.66
CA LEU C 50 -27.80 -22.69 42.66
C LEU C 50 -28.01 -23.83 41.68
N TYR C 51 -28.11 -25.06 42.17
CA TYR C 51 -28.29 -26.20 41.28
C TYR C 51 -29.67 -26.20 40.63
N ASN C 52 -30.68 -25.68 41.34
CA ASN C 52 -32.03 -25.60 40.77
C ASN C 52 -32.14 -24.49 39.73
N SER C 53 -31.06 -24.27 38.98
CA SER C 53 -31.01 -23.28 37.91
C SER C 53 -30.59 -23.98 36.63
N ALA C 54 -31.45 -23.95 35.62
CA ALA C 54 -31.17 -24.60 34.35
C ALA C 54 -30.23 -23.80 33.46
N SER C 55 -29.74 -22.66 33.92
CA SER C 55 -28.92 -21.76 33.10
C SER C 55 -27.42 -22.04 33.22
N PHE C 56 -27.04 -23.20 33.74
CA PHE C 56 -25.64 -23.57 33.90
C PHE C 56 -25.30 -24.68 32.92
N SER C 57 -24.39 -24.40 31.98
CA SER C 57 -23.95 -25.38 31.00
C SER C 57 -22.89 -26.31 31.53
N THR C 58 -22.24 -25.95 32.65
CA THR C 58 -21.31 -26.84 33.33
C THR C 58 -21.59 -26.74 34.82
N PHE C 59 -21.84 -27.90 35.44
CA PHE C 59 -22.06 -27.96 36.89
C PHE C 59 -21.49 -29.30 37.36
N LYS C 60 -20.17 -29.35 37.48
CA LYS C 60 -19.45 -30.55 37.86
C LYS C 60 -18.96 -30.41 39.29
N CYS C 61 -19.37 -31.33 40.16
CA CYS C 61 -18.93 -31.38 41.55
C CYS C 61 -18.02 -32.58 41.76
N TYR C 62 -17.06 -32.42 42.68
CA TYR C 62 -16.04 -33.43 42.94
C TYR C 62 -15.96 -33.67 44.44
N GLY C 63 -16.22 -34.91 44.85
CA GLY C 63 -16.16 -35.27 46.26
C GLY C 63 -17.43 -35.05 47.04
N VAL C 64 -18.38 -34.28 46.49
CA VAL C 64 -19.66 -34.01 47.14
C VAL C 64 -20.75 -34.12 46.08
N SER C 65 -21.96 -34.42 46.53
CA SER C 65 -23.07 -34.43 45.58
C SER C 65 -23.75 -33.07 45.56
N PRO C 66 -24.09 -32.57 44.36
CA PRO C 66 -24.71 -31.22 44.28
C PRO C 66 -26.02 -31.12 45.03
N THR C 67 -26.83 -32.18 45.01
CA THR C 67 -28.10 -32.15 45.74
C THR C 67 -27.86 -32.09 47.25
N LYS C 68 -26.86 -32.83 47.74
CA LYS C 68 -26.56 -32.86 49.17
C LYS C 68 -25.31 -32.05 49.47
N LEU C 69 -25.44 -30.73 49.25
CA LEU C 69 -24.34 -29.82 49.49
C LEU C 69 -24.23 -29.35 50.93
N ASN C 70 -25.29 -29.51 51.73
CA ASN C 70 -25.30 -29.03 53.11
C ASN C 70 -25.38 -30.18 54.11
N ASP C 71 -24.73 -31.30 53.81
CA ASP C 71 -24.76 -32.47 54.68
C ASP C 71 -23.38 -32.97 55.08
N LEU C 72 -22.31 -32.39 54.54
CA LEU C 72 -20.96 -32.85 54.79
C LEU C 72 -20.15 -31.76 55.50
N CYS C 73 -18.92 -32.10 55.87
CA CYS C 73 -18.05 -31.19 56.61
C CYS C 73 -17.69 -29.97 55.77
N PHE C 74 -17.42 -28.85 56.46
CA PHE C 74 -17.14 -27.57 55.83
C PHE C 74 -15.77 -27.08 56.29
N THR C 75 -14.75 -27.28 55.45
CA THR C 75 -13.43 -26.72 55.71
C THR C 75 -13.52 -25.20 55.67
N ASN C 76 -13.55 -24.66 54.46
CA ASN C 76 -13.84 -23.25 54.22
C ASN C 76 -14.49 -23.15 52.84
N VAL C 77 -15.19 -22.05 52.61
CA VAL C 77 -15.92 -21.85 51.37
C VAL C 77 -15.24 -20.71 50.59
N TYR C 78 -14.67 -21.05 49.43
CA TYR C 78 -14.04 -20.08 48.55
C TYR C 78 -14.75 -20.08 47.21
N ALA C 79 -14.99 -18.89 46.67
CA ALA C 79 -15.64 -18.72 45.37
C ALA C 79 -14.66 -18.03 44.44
N ASP C 80 -14.05 -18.80 43.52
CA ASP C 80 -13.16 -18.26 42.52
C ASP C 80 -13.90 -18.08 41.21
N SER C 81 -13.67 -16.94 40.54
CA SER C 81 -14.37 -16.63 39.31
C SER C 81 -13.42 -16.00 38.31
N PHE C 82 -13.69 -16.26 37.02
CA PHE C 82 -12.87 -15.77 35.92
C PHE C 82 -13.61 -16.06 34.61
N VAL C 83 -12.99 -15.70 33.49
CA VAL C 83 -13.53 -15.94 32.17
C VAL C 83 -12.47 -16.63 31.32
N ILE C 84 -12.89 -17.66 30.57
CA ILE C 84 -11.99 -18.42 29.71
C ILE C 84 -12.69 -18.67 28.37
N ARG C 85 -11.97 -19.34 27.48
CA ARG C 85 -12.52 -19.75 26.19
C ARG C 85 -13.47 -20.93 26.37
N GLY C 86 -14.24 -21.21 25.33
CA GLY C 86 -15.20 -22.31 25.40
C GLY C 86 -14.53 -23.67 25.45
N ASP C 87 -13.54 -23.89 24.59
CA ASP C 87 -12.86 -25.18 24.55
C ASP C 87 -11.87 -25.38 25.69
N GLU C 88 -11.79 -24.43 26.62
CA GLU C 88 -10.92 -24.55 27.78
C GLU C 88 -11.68 -24.91 29.05
N VAL C 89 -13.01 -24.97 28.99
CA VAL C 89 -13.80 -25.34 30.16
C VAL C 89 -13.43 -26.73 30.64
N ARG C 90 -13.07 -27.63 29.73
CA ARG C 90 -12.68 -28.98 30.12
C ARG C 90 -11.37 -29.01 30.89
N GLN C 91 -10.64 -27.89 30.97
CA GLN C 91 -9.41 -27.82 31.76
C GLN C 91 -9.67 -27.46 33.21
N ILE C 92 -10.83 -26.91 33.54
CA ILE C 92 -11.15 -26.53 34.91
C ILE C 92 -11.63 -27.77 35.66
N ALA C 93 -10.73 -28.72 35.88
CA ALA C 93 -11.05 -29.98 36.53
C ALA C 93 -9.75 -30.60 37.01
N PRO C 94 -9.82 -31.48 38.02
CA PRO C 94 -8.59 -32.10 38.52
C PRO C 94 -7.90 -32.95 37.46
N GLY C 95 -6.58 -33.03 37.56
CA GLY C 95 -5.79 -33.87 36.68
C GLY C 95 -5.68 -33.40 35.25
N GLN C 96 -6.21 -32.23 34.92
CA GLN C 96 -6.20 -31.75 33.55
C GLN C 96 -4.88 -31.03 33.23
N THR C 97 -4.50 -31.07 31.95
CA THR C 97 -3.35 -30.34 31.45
C THR C 97 -3.81 -29.39 30.34
N GLY C 98 -2.95 -28.42 30.04
CA GLY C 98 -3.28 -27.43 29.03
C GLY C 98 -2.86 -26.03 29.44
N ASN C 99 -3.09 -25.05 28.56
CA ASN C 99 -2.62 -23.69 28.84
C ASN C 99 -3.25 -23.13 30.11
N ILE C 100 -4.55 -23.37 30.31
CA ILE C 100 -5.23 -22.80 31.46
C ILE C 100 -4.87 -23.55 32.75
N ALA C 101 -4.86 -24.88 32.70
CA ALA C 101 -4.63 -25.64 33.91
C ALA C 101 -3.17 -25.58 34.35
N ASP C 102 -2.25 -25.36 33.41
CA ASP C 102 -0.84 -25.32 33.76
C ASP C 102 -0.39 -23.92 34.18
N TYR C 103 -0.88 -22.88 33.50
CA TYR C 103 -0.31 -21.55 33.61
C TYR C 103 -1.27 -20.50 34.18
N ASN C 104 -2.51 -20.86 34.50
CA ASN C 104 -3.48 -19.85 34.92
C ASN C 104 -4.24 -20.26 36.17
N TYR C 105 -4.90 -21.41 36.14
CA TYR C 105 -5.72 -21.87 37.26
C TYR C 105 -5.62 -23.38 37.34
N LYS C 106 -5.15 -23.88 38.49
CA LYS C 106 -4.89 -25.31 38.67
C LYS C 106 -5.71 -25.83 39.85
N LEU C 107 -6.47 -26.90 39.60
CA LEU C 107 -7.19 -27.55 40.70
C LEU C 107 -6.38 -28.72 41.24
N PRO C 108 -6.37 -28.91 42.55
CA PRO C 108 -5.63 -30.05 43.13
C PRO C 108 -6.29 -31.37 42.77
N ASP C 109 -5.51 -32.44 42.90
CA ASP C 109 -6.03 -33.77 42.59
C ASP C 109 -7.15 -34.15 43.55
N ASP C 110 -7.02 -33.79 44.83
CA ASP C 110 -8.03 -34.10 45.83
C ASP C 110 -9.03 -32.96 46.01
N PHE C 111 -9.47 -32.36 44.91
CA PHE C 111 -10.36 -31.20 44.96
C PHE C 111 -11.71 -31.61 45.54
N THR C 112 -12.23 -30.77 46.44
CA THR C 112 -13.56 -30.97 47.04
C THR C 112 -14.38 -29.71 46.78
N GLY C 113 -15.25 -29.77 45.79
CA GLY C 113 -16.07 -28.62 45.43
C GLY C 113 -16.70 -28.82 44.07
N CYS C 114 -17.19 -27.70 43.51
CA CYS C 114 -17.94 -27.73 42.28
C CYS C 114 -17.42 -26.68 41.30
N VAL C 115 -17.48 -27.02 40.02
CA VAL C 115 -17.09 -26.12 38.93
C VAL C 115 -18.36 -25.76 38.16
N ILE C 116 -18.64 -24.46 38.09
CA ILE C 116 -19.87 -23.96 37.47
C ILE C 116 -19.49 -22.98 36.37
N ALA C 117 -20.06 -23.18 35.18
CA ALA C 117 -19.73 -22.33 34.04
C ALA C 117 -20.94 -22.16 33.15
N TRP C 118 -21.03 -20.98 32.52
CA TRP C 118 -22.09 -20.71 31.56
C TRP C 118 -21.55 -19.78 30.47
N ASN C 119 -22.20 -19.85 29.31
CA ASN C 119 -21.79 -19.04 28.17
C ASN C 119 -22.15 -17.58 28.40
N SER C 120 -21.20 -16.69 28.17
CA SER C 120 -21.38 -15.26 28.41
C SER C 120 -21.17 -14.45 27.13
N ASN C 121 -21.47 -15.06 25.98
CA ASN C 121 -21.22 -14.40 24.69
C ASN C 121 -21.91 -13.05 24.60
N ASN C 122 -23.14 -12.96 25.12
CA ASN C 122 -23.89 -11.72 25.04
C ASN C 122 -23.46 -10.69 26.08
N LEU C 123 -22.58 -11.05 27.02
CA LEU C 123 -22.09 -10.12 28.02
C LEU C 123 -20.67 -9.66 27.76
N ASP C 124 -19.76 -10.59 27.46
CA ASP C 124 -18.33 -10.31 27.48
C ASP C 124 -17.70 -10.17 26.10
N SER C 125 -18.39 -10.50 25.03
CA SER C 125 -17.85 -10.35 23.69
C SER C 125 -18.41 -9.08 23.04
N LYS C 126 -17.54 -8.32 22.38
CA LYS C 126 -17.92 -7.08 21.72
C LYS C 126 -17.67 -7.17 20.22
N VAL C 127 -18.43 -6.38 19.47
CA VAL C 127 -18.15 -6.22 18.05
C VAL C 127 -16.77 -5.61 17.89
N GLY C 128 -15.94 -6.23 17.05
CA GLY C 128 -14.56 -5.83 16.89
C GLY C 128 -13.60 -6.41 17.90
N GLY C 129 -14.11 -6.99 18.99
CA GLY C 129 -13.24 -7.66 19.95
C GLY C 129 -13.23 -6.99 21.30
N ASN C 130 -13.45 -7.80 22.33
CA ASN C 130 -13.24 -7.40 23.71
C ASN C 130 -11.89 -7.96 24.12
N TYR C 131 -10.87 -7.11 24.16
CA TYR C 131 -9.51 -7.54 24.42
C TYR C 131 -9.15 -7.52 25.91
N ASN C 132 -10.08 -7.10 26.77
CA ASN C 132 -9.76 -6.93 28.18
C ASN C 132 -9.49 -8.25 28.87
N TYR C 133 -10.08 -9.35 28.40
CA TYR C 133 -9.88 -10.65 29.04
C TYR C 133 -8.60 -11.29 28.53
N LEU C 134 -7.70 -11.63 29.47
CA LEU C 134 -6.39 -12.14 29.14
C LEU C 134 -6.15 -13.50 29.80
N TYR C 135 -5.20 -14.25 29.25
CA TYR C 135 -4.75 -15.51 29.83
C TYR C 135 -3.24 -15.59 29.67
N ARG C 136 -2.59 -16.33 30.56
CA ARG C 136 -1.15 -16.52 30.48
C ARG C 136 -0.84 -17.67 29.52
N LEU C 137 0.01 -17.39 28.52
CA LEU C 137 0.31 -18.36 27.48
C LEU C 137 1.65 -19.07 27.69
N PHE C 138 2.60 -18.45 28.37
CA PHE C 138 3.92 -19.03 28.57
C PHE C 138 4.30 -18.96 30.04
N ARG C 139 5.02 -19.98 30.50
CA ARG C 139 5.55 -20.02 31.86
C ARG C 139 6.60 -21.12 31.94
N LYS C 140 7.57 -20.93 32.82
CA LYS C 140 8.68 -21.87 32.95
C LYS C 140 8.26 -23.17 33.66
N SER C 141 7.23 -23.11 34.50
CA SER C 141 6.78 -24.29 35.22
C SER C 141 5.28 -24.20 35.45
N ASN C 142 4.65 -25.36 35.63
CA ASN C 142 3.22 -25.40 35.87
C ASN C 142 2.88 -24.81 37.23
N LEU C 143 1.67 -24.29 37.34
CA LEU C 143 1.21 -23.71 38.59
C LEU C 143 0.89 -24.79 39.61
N LYS C 144 1.22 -24.52 40.87
CA LYS C 144 0.74 -25.35 41.95
C LYS C 144 -0.77 -25.15 42.10
N PRO C 145 -1.46 -26.10 42.70
CA PRO C 145 -2.91 -25.93 42.92
C PRO C 145 -3.22 -24.64 43.67
N PHE C 146 -4.15 -23.87 43.12
CA PHE C 146 -4.62 -22.61 43.68
C PHE C 146 -3.54 -21.53 43.71
N GLU C 147 -2.52 -21.64 42.87
CA GLU C 147 -1.49 -20.60 42.77
C GLU C 147 -1.93 -19.54 41.76
N ARG C 148 -1.57 -18.29 42.06
CA ARG C 148 -1.97 -17.15 41.24
C ARG C 148 -0.72 -16.41 40.77
N ASP C 149 -0.64 -16.16 39.46
CA ASP C 149 0.53 -15.55 38.84
C ASP C 149 0.07 -14.39 37.97
N ILE C 150 0.44 -13.17 38.35
CA ILE C 150 0.07 -11.98 37.61
C ILE C 150 1.31 -11.20 37.15
N SER C 151 2.46 -11.85 37.12
CA SER C 151 3.69 -11.17 36.70
C SER C 151 3.69 -10.96 35.19
N THR C 152 4.16 -9.79 34.76
CA THR C 152 4.27 -9.46 33.35
C THR C 152 5.74 -9.42 32.90
N GLU C 153 6.57 -10.27 33.48
CA GLU C 153 7.96 -10.35 33.08
C GLU C 153 8.08 -11.06 31.74
N ILE C 154 9.02 -10.59 30.90
CA ILE C 154 9.19 -11.17 29.58
C ILE C 154 9.67 -12.61 29.69
N TYR C 155 9.07 -13.48 28.90
CA TYR C 155 9.34 -14.92 28.94
C TYR C 155 10.35 -15.28 27.86
N GLN C 156 11.37 -16.04 28.24
CA GLN C 156 12.45 -16.45 27.34
C GLN C 156 12.16 -17.84 26.81
N ALA C 157 11.97 -17.94 25.50
CA ALA C 157 11.73 -19.22 24.83
C ALA C 157 12.95 -19.74 24.08
N GLY C 158 14.02 -18.95 23.98
CA GLY C 158 15.22 -19.39 23.30
C GLY C 158 16.42 -19.45 24.24
N SER C 159 17.61 -19.62 23.67
CA SER C 159 18.82 -19.69 24.48
C SER C 159 19.29 -18.33 24.97
N THR C 160 18.79 -17.25 24.38
CA THR C 160 19.36 -15.94 24.69
C THR C 160 18.49 -15.17 25.66
N PRO C 161 19.11 -14.44 26.58
CA PRO C 161 18.34 -13.63 27.52
C PRO C 161 17.59 -12.52 26.81
N CYS C 162 16.69 -11.89 27.56
CA CYS C 162 15.83 -10.84 27.05
C CYS C 162 15.99 -9.49 27.75
N ASN C 163 16.38 -9.47 29.03
CA ASN C 163 16.60 -8.20 29.77
C ASN C 163 15.36 -7.30 29.73
N GLY C 164 14.18 -7.92 29.82
CA GLY C 164 12.95 -7.17 29.83
C GLY C 164 12.53 -6.60 28.49
N VAL C 165 13.18 -7.01 27.40
CA VAL C 165 12.85 -6.53 26.06
C VAL C 165 12.03 -7.59 25.34
N LYS C 166 11.02 -7.15 24.60
CA LYS C 166 10.15 -8.06 23.87
C LYS C 166 10.64 -8.20 22.44
N GLY C 167 10.84 -9.44 22.00
CA GLY C 167 11.28 -9.66 20.64
C GLY C 167 11.81 -11.06 20.35
N PHE C 168 11.62 -11.52 19.11
CA PHE C 168 12.14 -12.80 18.64
C PHE C 168 11.64 -13.95 19.50
N ASN C 169 12.54 -14.62 20.23
CA ASN C 169 12.17 -15.72 21.11
C ASN C 169 11.82 -15.25 22.52
N CYS C 170 11.58 -13.96 22.70
CA CYS C 170 11.20 -13.38 23.99
C CYS C 170 9.77 -12.85 23.86
N TYR C 171 8.84 -13.48 24.57
CA TYR C 171 7.42 -13.17 24.44
C TYR C 171 6.90 -12.46 25.67
N PHE C 172 5.98 -11.52 25.47
CA PHE C 172 5.15 -11.05 26.55
C PHE C 172 4.25 -12.21 27.00
N PRO C 173 4.18 -12.52 28.29
CA PRO C 173 3.54 -13.77 28.71
C PRO C 173 2.03 -13.78 28.57
N LEU C 174 1.37 -12.63 28.53
CA LEU C 174 -0.08 -12.56 28.50
C LEU C 174 -0.58 -12.40 27.07
N GLN C 175 -1.69 -13.06 26.76
CA GLN C 175 -2.36 -12.94 25.47
C GLN C 175 -3.84 -12.64 25.72
N SER C 176 -4.46 -11.97 24.75
CA SER C 176 -5.85 -11.59 24.86
C SER C 176 -6.74 -12.56 24.11
N TYR C 177 -7.95 -12.76 24.64
CA TYR C 177 -8.93 -13.58 23.94
C TYR C 177 -9.57 -12.84 22.78
N GLY C 178 -9.72 -11.52 22.89
CA GLY C 178 -10.36 -10.73 21.84
C GLY C 178 -11.74 -11.21 21.47
N PHE C 179 -12.58 -11.48 22.48
CA PHE C 179 -13.87 -12.11 22.24
C PHE C 179 -14.73 -11.30 21.28
N GLN C 180 -15.24 -11.96 20.24
CA GLN C 180 -16.24 -11.41 19.36
C GLN C 180 -17.46 -12.33 19.31
N PRO C 181 -18.68 -11.77 19.29
CA PRO C 181 -19.87 -12.63 19.35
C PRO C 181 -20.05 -13.54 18.16
N THR C 182 -19.39 -13.25 17.02
CA THR C 182 -19.48 -14.14 15.87
C THR C 182 -18.51 -15.30 15.94
N TYR C 183 -17.70 -15.40 17.00
CA TYR C 183 -16.81 -16.54 17.16
C TYR C 183 -17.61 -17.83 17.32
N GLY C 184 -17.01 -18.94 16.90
CA GLY C 184 -17.54 -20.24 17.25
C GLY C 184 -17.53 -20.45 18.75
N VAL C 185 -18.39 -21.37 19.20
CA VAL C 185 -18.59 -21.57 20.63
C VAL C 185 -17.28 -21.93 21.33
N GLY C 186 -16.37 -22.62 20.62
CA GLY C 186 -15.10 -22.96 21.22
C GLY C 186 -14.25 -21.76 21.59
N TYR C 187 -14.50 -20.61 20.98
CA TYR C 187 -13.75 -19.39 21.25
C TYR C 187 -14.58 -18.33 21.95
N GLN C 188 -15.83 -18.62 22.29
CA GLN C 188 -16.68 -17.66 22.97
C GLN C 188 -16.35 -17.60 24.47
N PRO C 189 -16.68 -16.50 25.13
CA PRO C 189 -16.34 -16.38 26.56
C PRO C 189 -17.30 -17.17 27.43
N TYR C 190 -16.73 -17.81 28.46
CA TYR C 190 -17.50 -18.53 29.47
C TYR C 190 -17.11 -18.01 30.85
N ARG C 191 -18.12 -17.63 31.64
CA ARG C 191 -17.90 -17.25 33.02
C ARG C 191 -17.88 -18.50 33.89
N VAL C 192 -16.87 -18.61 34.75
CA VAL C 192 -16.64 -19.80 35.55
C VAL C 192 -16.63 -19.40 37.02
N VAL C 193 -17.25 -20.23 37.86
CA VAL C 193 -17.24 -20.07 39.31
C VAL C 193 -16.87 -21.41 39.92
N VAL C 194 -15.74 -21.45 40.62
CA VAL C 194 -15.30 -22.65 41.33
C VAL C 194 -15.60 -22.47 42.81
N LEU C 195 -16.39 -23.38 43.37
CA LEU C 195 -16.69 -23.39 44.79
C LEU C 195 -15.82 -24.44 45.46
N SER C 196 -14.96 -24.01 46.36
CA SER C 196 -14.13 -24.91 47.15
C SER C 196 -14.72 -25.06 48.54
N PHE C 197 -14.69 -26.27 49.08
CA PHE C 197 -15.25 -26.55 50.40
C PHE C 197 -14.19 -27.09 51.35
N GLN D 1 36.92 -22.69 15.79
CA GLN D 1 36.62 -21.32 15.43
C GLN D 1 35.25 -21.23 14.75
N VAL D 2 34.45 -20.25 15.18
CA VAL D 2 33.12 -20.07 14.61
C VAL D 2 33.25 -19.56 13.19
N GLN D 3 32.55 -20.23 12.25
CA GLN D 3 32.68 -19.87 10.85
C GLN D 3 31.38 -20.16 10.13
N LEU D 4 31.00 -19.23 9.25
CA LEU D 4 29.86 -19.39 8.36
C LEU D 4 30.36 -19.32 6.92
N VAL D 5 30.00 -20.33 6.12
CA VAL D 5 30.46 -20.44 4.74
C VAL D 5 29.26 -20.55 3.83
N GLN D 6 29.13 -19.64 2.87
CA GLN D 6 27.96 -19.52 2.04
C GLN D 6 28.20 -20.08 0.64
N SER D 7 27.12 -20.16 -0.13
CA SER D 7 27.16 -20.73 -1.47
C SER D 7 27.72 -19.72 -2.48
N GLY D 8 28.06 -20.24 -3.66
CA GLY D 8 28.72 -19.43 -4.67
C GLY D 8 27.81 -18.40 -5.30
N ALA D 9 28.43 -17.50 -6.06
CA ALA D 9 27.71 -16.40 -6.69
C ALA D 9 26.68 -16.92 -7.68
N GLU D 10 25.61 -16.15 -7.86
CA GLU D 10 24.50 -16.55 -8.71
C GLU D 10 24.13 -15.39 -9.64
N VAL D 11 23.81 -15.73 -10.88
CA VAL D 11 23.35 -14.77 -11.88
C VAL D 11 21.92 -15.15 -12.25
N LYS D 12 21.00 -14.21 -12.09
CA LYS D 12 19.58 -14.47 -12.29
C LYS D 12 18.96 -13.39 -13.17
N LYS D 13 17.89 -13.76 -13.88
CA LYS D 13 17.09 -12.83 -14.64
C LYS D 13 15.88 -12.38 -13.82
N PRO D 14 15.30 -11.22 -14.16
CA PRO D 14 14.12 -10.75 -13.42
C PRO D 14 13.00 -11.78 -13.43
N GLY D 15 12.33 -11.92 -12.29
CA GLY D 15 11.28 -12.88 -12.11
C GLY D 15 11.71 -14.22 -11.56
N ALA D 16 13.00 -14.55 -11.65
CA ALA D 16 13.50 -15.81 -11.13
C ALA D 16 13.60 -15.76 -9.61
N SER D 17 14.17 -16.83 -9.04
CA SER D 17 14.39 -16.92 -7.61
C SER D 17 15.79 -17.46 -7.36
N VAL D 18 16.31 -17.15 -6.17
CA VAL D 18 17.64 -17.57 -5.76
C VAL D 18 17.55 -18.12 -4.33
N LYS D 19 18.30 -19.19 -4.07
CA LYS D 19 18.37 -19.81 -2.76
C LYS D 19 19.82 -19.90 -2.33
N VAL D 20 20.18 -19.18 -1.28
CA VAL D 20 21.55 -19.10 -0.78
C VAL D 20 21.64 -19.88 0.52
N SER D 21 22.69 -20.70 0.64
CA SER D 21 22.92 -21.50 1.83
C SER D 21 24.01 -20.87 2.70
N CYS D 22 24.03 -21.27 3.97
CA CYS D 22 24.94 -20.69 4.97
C CYS D 22 25.25 -21.77 6.00
N LYS D 23 26.36 -22.48 5.78
CA LYS D 23 26.74 -23.62 6.60
C LYS D 23 27.49 -23.13 7.84
N ALA D 24 26.99 -23.51 9.01
CA ALA D 24 27.56 -23.09 10.29
C ALA D 24 28.41 -24.20 10.90
N SER D 25 29.45 -23.78 11.63
CA SER D 25 30.34 -24.71 12.30
C SER D 25 31.11 -23.96 13.36
N GLY D 26 31.61 -24.71 14.35
CA GLY D 26 32.38 -24.15 15.43
C GLY D 26 31.58 -23.68 16.62
N TYR D 27 30.26 -23.85 16.62
CA TYR D 27 29.43 -23.47 17.74
C TYR D 27 28.14 -24.28 17.67
N THR D 28 27.32 -24.14 18.71
CA THR D 28 26.03 -24.81 18.77
C THR D 28 25.06 -24.05 17.88
N PHE D 29 24.71 -24.64 16.74
CA PHE D 29 23.92 -23.95 15.73
C PHE D 29 22.59 -23.46 16.29
N THR D 30 21.98 -24.24 17.18
CA THR D 30 20.66 -23.90 17.71
C THR D 30 20.73 -22.94 18.90
N SER D 31 21.90 -22.72 19.49
CA SER D 31 22.01 -21.85 20.65
C SER D 31 21.98 -20.36 20.29
N TYR D 32 21.90 -20.02 19.01
CA TYR D 32 21.81 -18.65 18.56
C TYR D 32 20.87 -18.56 17.37
N GLY D 33 20.60 -17.33 16.93
CA GLY D 33 19.84 -17.10 15.73
C GLY D 33 20.75 -16.83 14.53
N ILE D 34 20.14 -16.90 13.36
CA ILE D 34 20.79 -16.54 12.11
C ILE D 34 20.01 -15.39 11.49
N SER D 35 20.71 -14.33 11.11
CA SER D 35 20.12 -13.20 10.43
C SER D 35 20.76 -13.06 9.05
N TRP D 36 19.99 -12.50 8.12
CA TRP D 36 20.45 -12.26 6.76
C TRP D 36 20.47 -10.76 6.50
N VAL D 37 21.60 -10.26 6.01
CA VAL D 37 21.76 -8.85 5.67
C VAL D 37 22.35 -8.77 4.27
N ARG D 38 21.80 -7.89 3.44
CA ARG D 38 22.29 -7.72 2.08
C ARG D 38 22.83 -6.29 1.90
N GLN D 39 23.53 -6.10 0.78
CA GLN D 39 24.21 -4.83 0.52
C GLN D 39 24.35 -4.65 -0.98
N ALA D 40 23.55 -3.76 -1.56
CA ALA D 40 23.65 -3.44 -2.98
C ALA D 40 25.02 -2.83 -3.27
N PRO D 41 25.49 -2.93 -4.51
CA PRO D 41 26.84 -2.44 -4.85
C PRO D 41 27.02 -0.97 -4.48
N GLY D 42 28.05 -0.71 -3.68
CA GLY D 42 28.33 0.65 -3.24
C GLY D 42 27.33 1.24 -2.26
N GLN D 43 26.38 0.45 -1.79
CA GLN D 43 25.33 0.93 -0.89
C GLN D 43 25.58 0.43 0.53
N GLY D 44 24.58 0.60 1.39
CA GLY D 44 24.70 0.27 2.79
C GLY D 44 24.14 -1.11 3.11
N LEU D 45 24.25 -1.46 4.39
CA LEU D 45 23.75 -2.74 4.87
C LEU D 45 22.24 -2.66 5.12
N GLU D 46 21.52 -3.71 4.72
CA GLU D 46 20.07 -3.77 4.87
C GLU D 46 19.71 -5.08 5.54
N TRP D 47 19.14 -4.99 6.74
CA TRP D 47 18.70 -6.19 7.45
C TRP D 47 17.48 -6.79 6.75
N MET D 48 17.58 -8.07 6.41
CA MET D 48 16.50 -8.76 5.70
C MET D 48 15.55 -9.48 6.65
N GLY D 49 16.09 -10.19 7.63
CA GLY D 49 15.26 -10.91 8.57
C GLY D 49 16.09 -11.80 9.46
N TRP D 50 15.39 -12.47 10.38
CA TRP D 50 16.01 -13.36 11.35
C TRP D 50 15.27 -14.69 11.36
N ILE D 51 16.01 -15.77 11.53
CA ILE D 51 15.42 -17.09 11.75
C ILE D 51 16.17 -17.78 12.89
N SER D 52 15.41 -18.39 13.79
CA SER D 52 16.00 -19.16 14.88
C SER D 52 15.99 -20.63 14.51
N PRO D 53 17.15 -21.26 14.34
CA PRO D 53 17.16 -22.71 14.06
C PRO D 53 16.68 -23.55 15.23
N TYR D 54 16.55 -22.97 16.43
CA TYR D 54 16.13 -23.72 17.59
C TYR D 54 14.66 -24.11 17.49
N ASN D 55 13.78 -23.13 17.24
CA ASN D 55 12.35 -23.38 17.15
C ASN D 55 11.77 -23.11 15.77
N GLY D 56 12.57 -22.67 14.81
CA GLY D 56 12.09 -22.39 13.48
C GLY D 56 11.34 -21.08 13.32
N ASN D 57 11.27 -20.27 14.36
CA ASN D 57 10.59 -18.98 14.28
C ASN D 57 11.32 -18.05 13.33
N THR D 58 10.56 -17.25 12.57
CA THR D 58 11.12 -16.32 11.61
C THR D 58 10.46 -14.96 11.75
N HIS D 59 11.17 -13.93 11.29
CA HIS D 59 10.59 -12.61 11.09
C HIS D 59 11.40 -11.90 10.03
N TYR D 60 10.71 -11.20 9.13
CA TYR D 60 11.33 -10.58 7.98
C TYR D 60 11.11 -9.08 7.99
N ALA D 61 11.91 -8.38 7.18
CA ALA D 61 11.74 -6.93 7.03
C ALA D 61 10.44 -6.62 6.30
N GLN D 62 9.86 -5.47 6.65
CA GLN D 62 8.54 -5.10 6.11
C GLN D 62 8.56 -5.06 4.59
N LYS D 63 9.66 -4.62 4.00
CA LYS D 63 9.77 -4.51 2.55
C LYS D 63 10.15 -5.83 1.88
N LEU D 64 10.10 -6.94 2.61
CA LEU D 64 10.41 -8.25 2.05
C LEU D 64 9.34 -9.30 2.36
N GLN D 65 8.29 -8.95 3.08
CA GLN D 65 7.28 -9.93 3.47
C GLN D 65 6.60 -10.50 2.23
N GLY D 66 6.31 -11.80 2.27
CA GLY D 66 5.69 -12.46 1.15
C GLY D 66 6.61 -12.71 -0.03
N ARG D 67 7.90 -12.45 0.14
CA ARG D 67 8.86 -12.60 -0.95
C ARG D 67 10.13 -13.33 -0.53
N VAL D 68 10.45 -13.37 0.75
CA VAL D 68 11.63 -14.06 1.26
C VAL D 68 11.16 -15.18 2.18
N THR D 69 11.87 -16.31 2.13
CA THR D 69 11.65 -17.43 3.03
C THR D 69 12.98 -17.88 3.60
N MET D 70 13.07 -17.93 4.92
CA MET D 70 14.27 -18.41 5.60
C MET D 70 13.98 -19.76 6.24
N THR D 71 14.93 -20.68 6.07
CA THR D 71 14.82 -22.03 6.58
C THR D 71 16.15 -22.45 7.18
N THR D 72 16.11 -23.50 8.01
CA THR D 72 17.31 -24.09 8.56
C THR D 72 17.20 -25.61 8.48
N ASP D 73 18.35 -26.26 8.36
CA ASP D 73 18.46 -27.71 8.47
C ASP D 73 19.33 -27.99 9.69
N THR D 74 18.70 -28.29 10.82
CA THR D 74 19.44 -28.48 12.06
C THR D 74 20.40 -29.66 11.97
N SER D 75 20.06 -30.67 11.18
CA SER D 75 20.91 -31.86 11.08
C SER D 75 22.26 -31.53 10.45
N THR D 76 22.28 -30.61 9.49
CA THR D 76 23.52 -30.22 8.82
C THR D 76 23.99 -28.84 9.21
N SER D 77 23.30 -28.16 10.14
CA SER D 77 23.67 -26.83 10.61
C SER D 77 23.82 -25.85 9.45
N THR D 78 22.78 -25.79 8.62
CA THR D 78 22.79 -24.95 7.43
C THR D 78 21.51 -24.13 7.38
N ALA D 79 21.65 -22.82 7.29
CA ALA D 79 20.53 -21.91 7.10
C ALA D 79 20.43 -21.53 5.63
N TYR D 80 19.20 -21.33 5.17
CA TYR D 80 18.94 -21.00 3.78
C TYR D 80 18.10 -19.73 3.70
N MET D 81 18.36 -18.95 2.64
CA MET D 81 17.59 -17.75 2.32
C MET D 81 17.07 -17.87 0.91
N GLU D 82 15.76 -17.90 0.75
CA GLU D 82 15.12 -17.95 -0.56
C GLU D 82 14.46 -16.62 -0.85
N LEU D 83 14.72 -16.05 -2.02
CA LEU D 83 14.15 -14.78 -2.44
C LEU D 83 13.56 -14.94 -3.83
N ARG D 84 12.24 -14.85 -3.94
CA ARG D 84 11.53 -15.03 -5.19
C ARG D 84 11.23 -13.68 -5.83
N SER D 85 10.65 -13.73 -7.02
CA SER D 85 10.24 -12.52 -7.76
C SER D 85 11.39 -11.53 -7.86
N LEU D 86 12.56 -12.04 -8.25
CA LEU D 86 13.77 -11.23 -8.28
C LEU D 86 13.63 -10.08 -9.27
N ARG D 87 14.03 -8.90 -8.85
CA ARG D 87 14.08 -7.70 -9.67
C ARG D 87 15.51 -7.18 -9.68
N SER D 88 15.77 -6.25 -10.60
CA SER D 88 17.15 -5.80 -10.82
C SER D 88 17.75 -5.17 -9.55
N ASP D 89 16.95 -4.42 -8.79
CA ASP D 89 17.52 -3.80 -7.59
C ASP D 89 17.77 -4.80 -6.46
N ASP D 90 17.57 -6.10 -6.68
CA ASP D 90 18.01 -7.12 -5.72
C ASP D 90 19.47 -7.50 -5.91
N THR D 91 20.15 -6.92 -6.91
CA THR D 91 21.58 -7.11 -7.05
C THR D 91 22.29 -6.64 -5.80
N ALA D 92 22.94 -7.56 -5.10
CA ALA D 92 23.57 -7.26 -3.83
C ALA D 92 24.43 -8.44 -3.42
N VAL D 93 25.25 -8.20 -2.39
CA VAL D 93 25.95 -9.28 -1.69
C VAL D 93 25.11 -9.67 -0.49
N TYR D 94 24.77 -10.95 -0.38
CA TYR D 94 23.88 -11.45 0.66
C TYR D 94 24.70 -12.13 1.75
N TYR D 95 24.72 -11.53 2.94
CA TYR D 95 25.46 -12.06 4.08
C TYR D 95 24.52 -12.78 5.04
N CYS D 96 25.06 -13.79 5.71
CA CYS D 96 24.46 -14.38 6.89
C CYS D 96 25.37 -14.13 8.08
N ALA D 97 24.79 -14.15 9.28
CA ALA D 97 25.55 -13.86 10.49
C ALA D 97 24.90 -14.57 11.68
N ARG D 98 25.74 -15.00 12.61
CA ARG D 98 25.26 -15.59 13.86
C ARG D 98 24.62 -14.48 14.70
N ASP D 99 23.30 -14.53 14.81
CA ASP D 99 22.56 -13.50 15.54
C ASP D 99 22.53 -13.85 17.02
N GLY D 100 22.89 -12.87 17.86
CA GLY D 100 22.79 -13.03 19.30
C GLY D 100 21.38 -12.75 19.79
N GLU D 101 20.42 -12.78 18.87
CA GLU D 101 19.02 -12.48 19.17
C GLU D 101 18.91 -11.15 19.91
N LEU D 102 18.38 -11.16 21.13
CA LEU D 102 18.19 -9.94 21.90
C LEU D 102 19.47 -9.46 22.57
N LEU D 103 20.58 -10.19 22.47
CA LEU D 103 21.85 -9.69 22.97
C LEU D 103 22.37 -8.53 22.13
N GLY D 104 21.81 -8.31 20.94
CA GLY D 104 22.13 -7.14 20.15
C GLY D 104 23.51 -7.16 19.50
N TRP D 105 23.85 -8.24 18.80
CA TRP D 105 25.07 -8.26 18.01
C TRP D 105 24.95 -9.27 16.88
N PHE D 106 25.69 -9.02 15.82
CA PHE D 106 25.83 -9.92 14.67
C PHE D 106 27.31 -10.29 14.56
N ASP D 107 27.65 -11.51 14.96
CA ASP D 107 29.05 -11.93 14.97
C ASP D 107 29.16 -13.44 15.13
N PRO D 108 29.89 -14.14 14.25
CA PRO D 108 30.56 -13.54 13.09
C PRO D 108 29.69 -13.56 11.84
N TRP D 109 30.20 -12.98 10.76
CA TRP D 109 29.49 -12.91 9.49
C TRP D 109 30.04 -13.93 8.51
N GLY D 110 29.17 -14.42 7.63
CA GLY D 110 29.61 -15.21 6.50
C GLY D 110 30.39 -14.36 5.52
N GLN D 111 31.00 -15.03 4.54
CA GLN D 111 31.82 -14.31 3.57
C GLN D 111 30.99 -13.56 2.54
N GLY D 112 29.75 -13.95 2.33
CA GLY D 112 28.90 -13.23 1.39
C GLY D 112 28.72 -13.98 0.08
N THR D 113 27.58 -13.73 -0.56
CA THR D 113 27.24 -14.36 -1.84
C THR D 113 26.72 -13.28 -2.78
N LEU D 114 27.41 -13.11 -3.91
CA LEU D 114 26.98 -12.12 -4.91
C LEU D 114 25.84 -12.70 -5.73
N VAL D 115 24.72 -11.99 -5.77
CA VAL D 115 23.58 -12.35 -6.61
C VAL D 115 23.35 -11.18 -7.55
N THR D 116 23.63 -11.38 -8.83
CA THR D 116 23.44 -10.35 -9.85
C THR D 116 22.13 -10.64 -10.59
N VAL D 117 21.19 -9.70 -10.49
CA VAL D 117 19.89 -9.81 -11.15
C VAL D 117 19.90 -8.81 -12.31
N SER D 118 19.85 -9.31 -13.53
CA SER D 118 19.95 -8.46 -14.71
C SER D 118 19.16 -9.06 -15.86
N SER D 119 18.49 -8.20 -16.61
CA SER D 119 17.74 -8.62 -17.80
C SER D 119 18.64 -8.94 -18.98
N ALA D 120 19.95 -8.76 -18.85
CA ALA D 120 20.89 -9.00 -19.93
C ALA D 120 21.35 -10.44 -19.94
N SER D 121 21.71 -10.92 -21.13
CA SER D 121 22.30 -12.23 -21.32
C SER D 121 23.81 -12.09 -21.48
N THR D 122 24.50 -13.24 -21.53
CA THR D 122 25.95 -13.23 -21.68
C THR D 122 26.34 -12.69 -23.04
N LYS D 123 27.25 -11.72 -23.05
CA LYS D 123 27.59 -11.00 -24.27
C LYS D 123 29.04 -10.55 -24.23
N GLY D 124 29.79 -10.88 -25.27
CA GLY D 124 31.13 -10.38 -25.43
C GLY D 124 31.12 -8.91 -25.77
N PRO D 125 32.20 -8.21 -25.44
CA PRO D 125 32.21 -6.76 -25.59
C PRO D 125 32.57 -6.32 -27.00
N SER D 126 32.11 -5.11 -27.33
CA SER D 126 32.61 -4.37 -28.48
C SER D 126 33.78 -3.51 -28.02
N VAL D 127 34.87 -3.52 -28.79
CA VAL D 127 36.10 -2.83 -28.42
C VAL D 127 36.34 -1.71 -29.42
N PHE D 128 36.29 -0.47 -28.94
CA PHE D 128 36.50 0.71 -29.76
C PHE D 128 37.80 1.42 -29.38
N PRO D 129 38.51 1.99 -30.35
CA PRO D 129 39.77 2.67 -30.02
C PRO D 129 39.54 4.06 -29.46
N LEU D 130 40.31 4.39 -28.42
CA LEU D 130 40.28 5.72 -27.82
C LEU D 130 41.51 6.47 -28.33
N ALA D 131 41.32 7.33 -29.33
CA ALA D 131 42.41 8.03 -29.97
C ALA D 131 42.59 9.41 -29.36
N PRO D 132 43.82 9.80 -29.04
CA PRO D 132 44.04 11.13 -28.43
C PRO D 132 43.92 12.25 -29.45
N SER D 133 43.69 13.45 -28.93
CA SER D 133 43.65 14.64 -29.76
C SER D 133 45.05 14.92 -30.32
N SER D 134 45.09 15.60 -31.47
CA SER D 134 46.37 16.03 -32.00
C SER D 134 47.01 17.10 -31.11
N LYS D 135 46.18 17.90 -30.45
CA LYS D 135 46.71 18.88 -29.49
C LYS D 135 47.19 18.20 -28.22
N SER D 136 46.54 17.10 -27.82
CA SER D 136 46.91 16.44 -26.58
C SER D 136 48.25 15.71 -26.67
N THR D 137 48.69 15.37 -27.88
CA THR D 137 49.95 14.66 -28.08
C THR D 137 51.08 15.58 -28.53
N SER D 138 50.82 16.87 -28.72
CA SER D 138 51.88 17.78 -29.13
C SER D 138 52.76 18.22 -27.97
N GLY D 139 52.36 17.94 -26.73
CA GLY D 139 53.17 18.30 -25.58
C GLY D 139 54.21 17.29 -25.17
N GLY D 140 54.34 16.19 -25.92
CA GLY D 140 55.33 15.17 -25.68
C GLY D 140 54.75 13.85 -25.21
N THR D 141 53.62 13.89 -24.52
CA THR D 141 52.98 12.69 -23.98
C THR D 141 51.67 12.42 -24.72
N ALA D 142 51.37 11.14 -24.91
CA ALA D 142 50.17 10.71 -25.60
C ALA D 142 49.45 9.65 -24.78
N ALA D 143 48.14 9.80 -24.64
CA ALA D 143 47.29 8.83 -23.95
C ALA D 143 46.33 8.22 -24.98
N LEU D 144 46.50 6.93 -25.24
CA LEU D 144 45.61 6.19 -26.12
C LEU D 144 45.09 4.98 -25.37
N GLY D 145 43.90 4.52 -25.74
CA GLY D 145 43.30 3.44 -24.99
C GLY D 145 42.22 2.72 -25.77
N CYS D 146 41.49 1.86 -25.05
CA CYS D 146 40.45 1.01 -25.62
C CYS D 146 39.18 1.12 -24.79
N LEU D 147 38.04 1.26 -25.48
CA LEU D 147 36.73 1.26 -24.84
C LEU D 147 36.13 -0.13 -24.99
N VAL D 148 36.02 -0.84 -23.87
CA VAL D 148 35.45 -2.18 -23.82
C VAL D 148 33.98 -2.00 -23.43
N LYS D 149 33.08 -2.12 -24.41
CA LYS D 149 31.72 -1.64 -24.25
C LYS D 149 30.71 -2.79 -24.33
N ASP D 150 29.70 -2.72 -23.46
CA ASP D 150 28.48 -3.53 -23.52
C ASP D 150 28.81 -5.03 -23.46
N TYR D 151 29.29 -5.46 -22.29
CA TYR D 151 29.56 -6.85 -22.02
C TYR D 151 28.86 -7.29 -20.75
N PHE D 152 28.69 -8.62 -20.61
CA PHE D 152 28.01 -9.18 -19.46
C PHE D 152 28.29 -10.66 -19.44
N PRO D 153 28.64 -11.24 -18.29
CA PRO D 153 28.86 -10.48 -17.05
C PRO D 153 30.32 -10.11 -16.85
N GLU D 154 30.64 -9.49 -15.71
CA GLU D 154 32.03 -9.26 -15.36
C GLU D 154 32.74 -10.59 -15.17
N PRO D 155 34.08 -10.61 -15.31
CA PRO D 155 34.95 -9.50 -15.69
C PRO D 155 35.54 -9.62 -17.09
N VAL D 156 36.32 -8.61 -17.48
CA VAL D 156 37.19 -8.69 -18.64
C VAL D 156 38.59 -8.29 -18.20
N THR D 157 39.58 -8.76 -18.95
CA THR D 157 40.97 -8.41 -18.72
C THR D 157 41.54 -7.76 -19.97
N VAL D 158 42.32 -6.70 -19.77
CA VAL D 158 42.93 -5.96 -20.88
C VAL D 158 44.44 -5.97 -20.70
N SER D 159 45.13 -6.41 -21.74
CA SER D 159 46.57 -6.28 -21.85
C SER D 159 46.90 -5.43 -23.06
N TRP D 160 48.17 -5.07 -23.19
CA TRP D 160 48.63 -4.25 -24.31
C TRP D 160 49.82 -4.91 -24.99
N ASN D 161 49.76 -5.00 -26.31
CA ASN D 161 50.80 -5.64 -27.12
C ASN D 161 51.14 -7.02 -26.58
N SER D 162 50.09 -7.81 -26.33
CA SER D 162 50.20 -9.20 -25.87
C SER D 162 50.97 -9.31 -24.56
N GLY D 163 50.93 -8.26 -23.73
CA GLY D 163 51.55 -8.27 -22.43
C GLY D 163 52.93 -7.65 -22.38
N ALA D 164 53.53 -7.33 -23.54
CA ALA D 164 54.86 -6.73 -23.54
C ALA D 164 54.83 -5.33 -22.93
N LEU D 165 53.79 -4.56 -23.23
CA LEU D 165 53.67 -3.18 -22.75
C LEU D 165 52.92 -3.19 -21.42
N THR D 166 53.60 -2.79 -20.35
CA THR D 166 52.98 -2.77 -19.03
C THR D 166 53.17 -1.42 -18.33
N SER D 167 54.24 -0.70 -18.66
CA SER D 167 54.48 0.61 -18.07
C SER D 167 53.52 1.64 -18.65
N GLY D 168 52.85 2.38 -17.75
CA GLY D 168 51.87 3.37 -18.17
C GLY D 168 50.48 2.83 -18.42
N VAL D 169 50.24 1.54 -18.19
CA VAL D 169 48.91 0.97 -18.39
C VAL D 169 48.06 1.27 -17.17
N HIS D 170 46.85 1.76 -17.40
CA HIS D 170 45.89 2.01 -16.33
C HIS D 170 44.52 1.53 -16.81
N THR D 171 44.06 0.41 -16.27
CA THR D 171 42.77 -0.17 -16.61
C THR D 171 41.77 0.18 -15.51
N PHE D 172 40.65 0.78 -15.91
CA PHE D 172 39.72 1.34 -14.94
C PHE D 172 38.59 0.36 -14.64
N PRO D 173 38.02 0.43 -13.44
CA PRO D 173 36.89 -0.45 -13.11
C PRO D 173 35.69 -0.17 -14.00
N ALA D 174 34.88 -1.20 -14.20
CA ALA D 174 33.76 -1.11 -15.12
C ALA D 174 32.64 -0.23 -14.55
N VAL D 175 31.77 0.22 -15.44
CA VAL D 175 30.57 0.95 -15.08
C VAL D 175 29.37 0.11 -15.48
N LEU D 176 28.27 0.28 -14.75
CA LEU D 176 27.02 -0.44 -15.02
C LEU D 176 26.04 0.50 -15.69
N GLN D 177 25.69 0.20 -16.94
CA GLN D 177 24.73 1.00 -17.68
C GLN D 177 23.30 0.59 -17.31
N SER D 178 22.34 1.42 -17.72
CA SER D 178 20.94 1.13 -17.49
C SER D 178 20.45 -0.08 -18.29
N SER D 179 21.27 -0.61 -19.19
CA SER D 179 20.92 -1.81 -19.94
C SER D 179 21.23 -3.10 -19.19
N GLY D 180 21.95 -3.02 -18.08
CA GLY D 180 22.46 -4.19 -17.41
C GLY D 180 23.81 -4.67 -17.93
N LEU D 181 24.36 -3.99 -18.92
CA LEU D 181 25.66 -4.34 -19.49
C LEU D 181 26.75 -3.47 -18.87
N TYR D 182 27.98 -3.99 -18.89
CA TYR D 182 29.12 -3.29 -18.32
C TYR D 182 30.00 -2.70 -19.41
N SER D 183 30.77 -1.68 -19.02
CA SER D 183 31.75 -1.06 -19.91
C SER D 183 32.91 -0.56 -19.07
N LEU D 184 34.13 -0.82 -19.53
CA LEU D 184 35.32 -0.26 -18.90
C LEU D 184 36.26 0.25 -19.99
N SER D 185 37.27 1.00 -19.55
CA SER D 185 38.28 1.55 -20.44
C SER D 185 39.66 1.25 -19.87
N SER D 186 40.60 0.92 -20.77
CA SER D 186 42.01 0.77 -20.43
C SER D 186 42.80 1.77 -21.25
N VAL D 187 43.71 2.49 -20.61
CA VAL D 187 44.48 3.54 -21.25
C VAL D 187 45.96 3.33 -20.94
N VAL D 188 46.81 3.60 -21.92
CA VAL D 188 48.26 3.57 -21.73
C VAL D 188 48.82 4.90 -22.22
N THR D 189 49.71 5.48 -21.43
CA THR D 189 50.35 6.74 -21.77
C THR D 189 51.74 6.46 -22.31
N VAL D 190 52.04 7.00 -23.47
CA VAL D 190 53.30 6.73 -24.17
C VAL D 190 53.91 8.04 -24.63
N PRO D 191 55.21 8.05 -24.93
CA PRO D 191 55.80 9.24 -25.55
C PRO D 191 55.20 9.48 -26.92
N SER D 192 54.85 10.73 -27.20
CA SER D 192 54.32 11.08 -28.52
C SER D 192 55.31 10.72 -29.61
N SER D 193 56.61 10.75 -29.32
CA SER D 193 57.64 10.42 -30.30
C SER D 193 57.50 9.01 -30.83
N SER D 194 56.84 8.11 -30.08
CA SER D 194 56.69 6.73 -30.51
C SER D 194 55.43 6.49 -31.34
N LEU D 195 54.56 7.50 -31.48
CA LEU D 195 53.29 7.32 -32.17
C LEU D 195 53.47 6.97 -33.65
N GLY D 196 54.59 7.38 -34.26
CA GLY D 196 54.86 7.10 -35.65
C GLY D 196 55.78 5.92 -35.92
N THR D 197 56.27 5.23 -34.89
CA THR D 197 57.15 4.09 -35.07
C THR D 197 56.76 2.86 -34.25
N GLN D 198 55.97 3.02 -33.19
CA GLN D 198 55.55 1.91 -32.34
C GLN D 198 54.06 1.66 -32.52
N THR D 199 53.69 0.38 -32.50
CA THR D 199 52.32 -0.05 -32.71
C THR D 199 51.70 -0.44 -31.36
N TYR D 200 50.47 0.02 -31.13
CA TYR D 200 49.78 -0.18 -29.86
C TYR D 200 48.49 -0.96 -30.11
N ILE D 201 48.41 -2.16 -29.54
CA ILE D 201 47.28 -3.07 -29.73
C ILE D 201 46.81 -3.52 -28.36
N CYS D 202 45.55 -3.24 -28.03
CA CYS D 202 44.98 -3.69 -26.77
C CYS D 202 44.33 -5.05 -26.96
N ASN D 203 44.47 -5.91 -25.95
CA ASN D 203 43.99 -7.28 -26.02
C ASN D 203 42.93 -7.47 -24.93
N VAL D 204 41.70 -7.71 -25.35
CA VAL D 204 40.55 -7.81 -24.44
C VAL D 204 40.09 -9.26 -24.40
N ASN D 205 40.11 -9.84 -23.21
CA ASN D 205 39.64 -11.20 -22.98
C ASN D 205 38.42 -11.16 -22.08
N HIS D 206 37.40 -11.94 -22.44
CA HIS D 206 36.14 -12.04 -21.70
C HIS D 206 35.82 -13.52 -21.54
N LYS D 207 36.24 -14.08 -20.41
CA LYS D 207 36.09 -15.52 -20.19
C LYS D 207 34.65 -16.04 -20.28
N PRO D 208 33.63 -15.37 -19.74
CA PRO D 208 32.27 -15.95 -19.78
C PRO D 208 31.77 -16.27 -21.18
N SER D 209 32.30 -15.63 -22.22
CA SER D 209 31.87 -15.89 -23.58
C SER D 209 32.98 -16.45 -24.46
N ASN D 210 34.16 -16.73 -23.91
CA ASN D 210 35.33 -17.13 -24.67
C ASN D 210 35.58 -16.19 -25.85
N THR D 211 35.58 -14.90 -25.55
CA THR D 211 35.75 -13.85 -26.54
C THR D 211 37.09 -13.15 -26.32
N LYS D 212 37.88 -13.06 -27.38
CA LYS D 212 39.14 -12.33 -27.36
C LYS D 212 39.14 -11.37 -28.54
N VAL D 213 39.17 -10.07 -28.25
CA VAL D 213 39.15 -9.03 -29.28
C VAL D 213 40.45 -8.23 -29.20
N ASP D 214 41.12 -8.10 -30.34
CA ASP D 214 42.28 -7.24 -30.48
C ASP D 214 41.90 -6.01 -31.29
N LYS D 215 42.37 -4.84 -30.86
CA LYS D 215 42.08 -3.60 -31.55
C LYS D 215 43.34 -2.76 -31.60
N ARG D 216 43.78 -2.42 -32.81
CA ARG D 216 44.90 -1.50 -32.98
C ARG D 216 44.40 -0.07 -32.84
N VAL D 217 45.12 0.73 -32.05
CA VAL D 217 44.74 2.10 -31.76
C VAL D 217 45.76 3.03 -32.39
N GLU D 218 45.31 3.87 -33.31
CA GLU D 218 46.15 4.80 -34.04
C GLU D 218 45.72 6.23 -33.76
N PRO D 219 46.61 7.21 -33.97
CA PRO D 219 46.24 8.60 -33.72
C PRO D 219 45.06 9.04 -34.58
N LYS D 220 44.39 10.09 -34.11
CA LYS D 220 43.20 10.59 -34.79
C LYS D 220 43.55 11.08 -36.20
N SER D 221 42.71 10.72 -37.16
CA SER D 221 42.91 11.13 -38.54
C SER D 221 41.57 11.35 -39.26
N SER E 2 15.93 3.93 5.54
CA SER E 2 16.47 3.79 6.89
C SER E 2 16.05 4.95 7.79
N VAL E 3 15.45 4.61 8.93
CA VAL E 3 15.03 5.61 9.88
C VAL E 3 16.23 6.18 10.63
N VAL E 4 17.36 5.50 10.58
CA VAL E 4 18.56 5.88 11.31
C VAL E 4 19.53 6.57 10.36
N THR E 5 19.98 7.77 10.75
CA THR E 5 20.80 8.62 9.89
C THR E 5 22.22 8.71 10.43
N GLN E 6 23.20 8.57 9.53
CA GLN E 6 24.61 8.80 9.80
C GLN E 6 25.15 9.84 8.83
N PRO E 7 26.22 10.56 9.20
CA PRO E 7 26.89 11.43 8.23
C PRO E 7 27.49 10.59 7.11
N ALA E 8 27.39 11.10 5.89
CA ALA E 8 27.87 10.34 4.73
C ALA E 8 29.38 10.13 4.78
N SER E 9 30.12 11.15 5.21
CA SER E 9 31.57 11.08 5.22
C SER E 9 32.12 11.77 6.46
N VAL E 10 33.26 11.25 6.94
CA VAL E 10 34.04 11.90 7.98
C VAL E 10 35.50 11.55 7.71
N SER E 11 36.40 12.47 8.05
CA SER E 11 37.81 12.28 7.80
C SER E 11 38.63 12.82 8.97
N GLY E 12 39.82 12.26 9.14
CA GLY E 12 40.73 12.68 10.19
C GLY E 12 42.16 12.34 9.80
N SER E 13 43.09 12.83 10.63
CA SER E 13 44.51 12.63 10.41
C SER E 13 45.06 11.60 11.40
N PRO E 14 46.14 10.89 11.04
CA PRO E 14 46.66 9.85 11.94
C PRO E 14 47.10 10.41 13.28
N GLY E 15 46.29 10.18 14.31
CA GLY E 15 46.61 10.67 15.64
C GLY E 15 45.41 11.30 16.34
N GLN E 16 44.55 11.97 15.60
CA GLN E 16 43.41 12.64 16.20
C GLN E 16 42.29 11.64 16.50
N SER E 17 41.24 12.13 17.15
CA SER E 17 40.07 11.33 17.46
C SER E 17 38.87 11.89 16.71
N ILE E 18 38.00 11.00 16.23
CA ILE E 18 36.80 11.39 15.51
C ILE E 18 35.60 10.66 16.10
N THR E 19 34.41 11.22 15.84
CA THR E 19 33.16 10.68 16.34
C THR E 19 32.20 10.49 15.17
N ILE E 20 31.56 9.32 15.13
CA ILE E 20 30.57 8.99 14.10
C ILE E 20 29.22 8.93 14.80
N SER E 21 28.32 9.83 14.45
CA SER E 21 27.01 9.89 15.07
C SER E 21 26.03 8.96 14.37
N CYS E 22 24.99 8.57 15.11
CA CYS E 22 24.00 7.60 14.66
C CYS E 22 22.65 8.05 15.24
N THR E 23 21.95 8.89 14.48
CA THR E 23 20.73 9.55 14.95
C THR E 23 19.52 8.77 14.50
N GLY E 24 18.68 8.35 15.46
CA GLY E 24 17.44 7.68 15.15
C GLY E 24 16.25 8.40 15.75
N THR E 25 15.20 7.64 16.08
CA THR E 25 14.01 8.19 16.72
C THR E 25 13.88 7.65 18.14
N SER E 26 12.82 8.07 18.82
CA SER E 26 12.58 7.64 20.19
C SER E 26 12.25 6.15 20.27
N SER E 27 11.78 5.55 19.19
CA SER E 27 11.31 4.17 19.22
C SER E 27 12.39 3.17 18.80
N ASP E 28 13.62 3.62 18.57
CA ASP E 28 14.70 2.68 18.25
C ASP E 28 15.95 2.95 19.09
N VAL E 29 16.67 4.03 18.77
CA VAL E 29 17.92 4.31 19.48
C VAL E 29 17.63 4.75 20.92
N GLY E 30 16.63 5.62 21.10
CA GLY E 30 16.25 6.08 22.42
C GLY E 30 15.34 5.16 23.20
N SER E 31 15.11 3.94 22.73
CA SER E 31 14.24 2.98 23.41
C SER E 31 14.96 1.76 23.95
N TYR E 32 16.10 1.38 23.37
CA TYR E 32 16.81 0.18 23.79
C TYR E 32 18.31 0.44 23.80
N ASN E 33 18.99 -0.17 24.76
CA ASN E 33 20.45 -0.20 24.79
C ASN E 33 20.96 -1.37 23.96
N LEU E 34 20.65 -1.32 22.66
CA LEU E 34 20.94 -2.39 21.72
C LEU E 34 21.55 -1.85 20.43
N VAL E 35 22.41 -0.84 20.56
CA VAL E 35 23.09 -0.24 19.42
C VAL E 35 24.43 -0.94 19.25
N SER E 36 24.66 -1.49 18.06
CA SER E 36 25.91 -2.15 17.73
C SER E 36 26.57 -1.45 16.55
N TRP E 37 27.89 -1.55 16.48
CA TRP E 37 28.68 -0.90 15.45
C TRP E 37 29.49 -1.94 14.68
N TYR E 38 29.63 -1.72 13.38
CA TYR E 38 30.30 -2.67 12.49
C TYR E 38 31.30 -1.94 11.60
N GLN E 39 32.51 -2.49 11.53
CA GLN E 39 33.54 -1.99 10.64
C GLN E 39 33.64 -2.90 9.42
N GLN E 40 33.56 -2.31 8.23
CA GLN E 40 33.60 -3.07 6.99
C GLN E 40 34.67 -2.48 6.08
N HIS E 41 35.66 -3.28 5.74
CA HIS E 41 36.67 -2.89 4.77
C HIS E 41 36.23 -3.31 3.37
N PRO E 42 36.79 -2.68 2.33
CA PRO E 42 36.35 -2.99 0.96
C PRO E 42 36.38 -4.48 0.65
N GLY E 43 35.27 -4.99 0.11
CA GLY E 43 35.18 -6.36 -0.30
C GLY E 43 35.14 -7.38 0.82
N LYS E 44 35.16 -6.94 2.07
CA LYS E 44 35.17 -7.83 3.21
C LYS E 44 33.84 -7.73 3.96
N ALA E 45 33.56 -8.77 4.76
CA ALA E 45 32.34 -8.78 5.55
C ALA E 45 32.45 -7.78 6.70
N PRO E 46 31.32 -7.21 7.14
CA PRO E 46 31.36 -6.35 8.33
C PRO E 46 31.88 -7.11 9.54
N LYS E 47 32.50 -6.38 10.46
CA LYS E 47 33.06 -6.95 11.67
C LYS E 47 32.53 -6.21 12.88
N LEU E 48 32.10 -6.96 13.89
CA LEU E 48 31.52 -6.36 15.09
C LEU E 48 32.60 -5.60 15.87
N MET E 49 32.30 -4.35 16.23
CA MET E 49 33.20 -3.52 17.01
C MET E 49 32.61 -3.13 18.36
N ILE E 50 31.32 -2.81 18.42
CA ILE E 50 30.65 -2.43 19.64
C ILE E 50 29.29 -3.13 19.67
N TYR E 51 28.86 -3.56 20.86
CA TYR E 51 27.50 -4.04 21.06
C TYR E 51 26.99 -3.52 22.39
N ALA E 52 25.66 -3.51 22.52
CA ALA E 52 24.97 -3.00 23.71
C ALA E 52 25.38 -1.55 23.99
N GLY E 53 25.55 -0.77 22.93
CA GLY E 53 25.97 0.62 23.01
C GLY E 53 27.42 0.96 23.33
N SER E 54 28.00 0.31 24.34
CA SER E 54 29.35 0.68 24.79
C SER E 54 30.26 -0.50 25.08
N LYS E 55 29.79 -1.74 24.92
CA LYS E 55 30.61 -2.90 25.22
C LYS E 55 31.42 -3.32 24.01
N ARG E 56 32.66 -3.75 24.25
CA ARG E 56 33.54 -4.25 23.21
C ARG E 56 33.66 -5.76 23.28
N PRO E 57 33.58 -6.45 22.14
CA PRO E 57 33.80 -7.90 22.12
C PRO E 57 35.28 -8.24 22.24
N SER E 58 35.53 -9.48 22.65
CA SER E 58 36.90 -9.94 22.86
C SER E 58 37.69 -9.86 21.56
N GLY E 59 38.63 -8.92 21.49
CA GLY E 59 39.50 -8.81 20.33
C GLY E 59 39.59 -7.41 19.74
N VAL E 60 38.62 -6.56 20.05
CA VAL E 60 38.55 -5.21 19.49
C VAL E 60 39.42 -4.28 20.32
N SER E 61 40.20 -3.44 19.64
CA SER E 61 41.09 -2.50 20.32
C SER E 61 40.30 -1.51 21.16
N ASN E 62 40.91 -1.06 22.25
CA ASN E 62 40.26 -0.13 23.18
C ASN E 62 40.18 1.29 22.64
N ARG E 63 40.72 1.55 21.45
CA ARG E 63 40.57 2.86 20.84
C ARG E 63 39.14 3.11 20.38
N PHE E 64 38.35 2.06 20.16
CA PHE E 64 36.96 2.20 19.77
C PHE E 64 36.08 2.20 21.02
N SER E 65 35.18 3.18 21.11
CA SER E 65 34.25 3.27 22.22
C SER E 65 32.90 3.73 21.71
N GLY E 66 31.86 3.41 22.46
CA GLY E 66 30.52 3.79 22.08
C GLY E 66 29.82 4.53 23.20
N SER E 67 28.88 5.40 22.81
CA SER E 67 28.10 6.18 23.76
C SER E 67 26.76 6.51 23.13
N LYS E 68 25.87 7.08 23.95
CA LYS E 68 24.53 7.42 23.49
C LYS E 68 24.00 8.59 24.31
N SER E 69 23.43 9.57 23.61
CA SER E 69 22.74 10.68 24.24
C SER E 69 21.37 10.81 23.59
N GLY E 70 20.33 10.40 24.33
CA GLY E 70 18.99 10.54 23.78
C GLY E 70 18.78 9.53 22.66
N ASN E 71 18.45 10.04 21.48
CA ASN E 71 18.19 9.22 20.31
C ASN E 71 19.38 9.18 19.35
N THR E 72 20.57 9.49 19.84
CA THR E 72 21.77 9.55 19.01
C THR E 72 22.87 8.72 19.66
N ALA E 73 23.32 7.69 18.96
CA ALA E 73 24.48 6.91 19.38
C ALA E 73 25.73 7.41 18.67
N SER E 74 26.86 7.26 19.35
CA SER E 74 28.13 7.76 18.83
C SER E 74 29.20 6.68 18.93
N LEU E 75 30.02 6.59 17.89
CA LEU E 75 31.23 5.76 17.89
C LEU E 75 32.44 6.68 17.81
N THR E 76 33.35 6.54 18.78
CA THR E 76 34.52 7.40 18.88
C THR E 76 35.78 6.56 18.75
N ILE E 77 36.61 6.89 17.77
CA ILE E 77 37.90 6.24 17.56
C ILE E 77 38.99 7.22 17.94
N SER E 78 39.80 6.87 18.93
CA SER E 78 40.93 7.68 19.35
C SER E 78 42.20 7.16 18.69
N GLY E 79 43.19 8.06 18.58
CA GLY E 79 44.47 7.73 17.98
C GLY E 79 44.34 7.02 16.65
N LEU E 80 43.78 7.72 15.66
CA LEU E 80 43.48 7.11 14.37
C LEU E 80 44.72 6.46 13.75
N GLN E 81 44.53 5.28 13.19
CA GLN E 81 45.56 4.57 12.45
C GLN E 81 45.11 4.38 11.01
N ALA E 82 46.00 3.83 10.18
CA ALA E 82 45.69 3.65 8.77
C ALA E 82 44.73 2.49 8.53
N GLU E 83 44.71 1.49 9.42
CA GLU E 83 43.76 0.39 9.27
C GLU E 83 42.37 0.73 9.76
N ASP E 84 42.19 1.90 10.38
CA ASP E 84 40.87 2.32 10.83
C ASP E 84 40.00 2.83 9.68
N GLU E 85 40.59 3.18 8.54
CA GLU E 85 39.83 3.67 7.41
C GLU E 85 38.94 2.56 6.87
N ALA E 86 37.62 2.76 6.93
CA ALA E 86 36.65 1.77 6.49
C ALA E 86 35.27 2.42 6.54
N ASP E 87 34.25 1.66 6.13
CA ASP E 87 32.87 2.06 6.33
C ASP E 87 32.39 1.56 7.68
N TYR E 88 31.61 2.38 8.38
CA TYR E 88 31.10 2.05 9.69
C TYR E 88 29.58 2.16 9.68
N TYR E 89 28.93 1.16 10.26
CA TYR E 89 27.47 1.08 10.31
C TYR E 89 27.03 0.86 11.75
N CYS E 90 26.04 1.64 12.17
CA CYS E 90 25.36 1.38 13.43
C CYS E 90 24.09 0.59 13.15
N CYS E 91 23.73 -0.28 14.09
CA CYS E 91 22.53 -1.09 14.00
C CYS E 91 21.81 -1.04 15.34
N SER E 92 20.49 -0.86 15.29
CA SER E 92 19.70 -0.73 16.50
C SER E 92 18.44 -1.58 16.41
N TYR E 93 18.01 -2.07 17.57
CA TYR E 93 16.70 -2.69 17.67
C TYR E 93 15.62 -1.61 17.52
N ALA E 94 14.51 -1.97 16.88
CA ALA E 94 13.43 -1.03 16.63
C ALA E 94 12.11 -1.50 17.22
N GLY E 95 12.13 -2.53 18.06
CA GLY E 95 10.92 -3.17 18.52
C GLY E 95 10.31 -4.07 17.46
N SER E 96 9.45 -4.97 17.93
CA SER E 96 8.69 -5.87 17.05
C SER E 96 9.61 -6.73 16.20
N SER E 97 10.68 -7.26 16.82
CA SER E 97 11.59 -8.21 16.19
C SER E 97 12.20 -7.64 14.91
N THR E 98 12.54 -6.35 14.91
CA THR E 98 13.06 -5.69 13.73
C THR E 98 14.34 -4.94 14.07
N TRP E 99 15.40 -5.21 13.31
CA TRP E 99 16.63 -4.45 13.36
C TRP E 99 16.65 -3.44 12.22
N VAL E 100 17.41 -2.37 12.41
CA VAL E 100 17.54 -1.33 11.39
C VAL E 100 18.97 -0.81 11.39
N PHE E 101 19.58 -0.75 10.22
CA PHE E 101 20.93 -0.23 10.07
C PHE E 101 20.91 1.25 9.73
N GLY E 102 22.00 1.93 10.06
CA GLY E 102 22.21 3.28 9.59
C GLY E 102 22.68 3.29 8.15
N GLY E 103 22.67 4.49 7.56
CA GLY E 103 23.11 4.63 6.18
C GLY E 103 24.59 4.37 5.96
N GLY E 104 25.37 4.42 7.02
CA GLY E 104 26.80 4.18 6.91
C GLY E 104 27.59 5.47 6.73
N THR E 105 28.83 5.45 7.24
CA THR E 105 29.71 6.60 7.20
C THR E 105 31.06 6.16 6.68
N LYS E 106 31.51 6.75 5.57
CA LYS E 106 32.83 6.48 5.03
C LYS E 106 33.86 7.31 5.78
N LEU E 107 34.72 6.65 6.54
CA LEU E 107 35.78 7.31 7.30
C LEU E 107 37.07 7.28 6.51
N THR E 108 37.66 8.44 6.30
CA THR E 108 38.93 8.58 5.58
C THR E 108 40.03 8.96 6.56
N VAL E 109 41.14 8.21 6.52
CA VAL E 109 42.32 8.51 7.31
C VAL E 109 43.32 9.16 6.36
N LEU E 110 43.40 10.49 6.40
CA LEU E 110 44.33 11.25 5.57
C LEU E 110 45.76 10.79 5.84
N GLY E 111 46.34 10.00 4.94
CA GLY E 111 47.63 9.40 5.19
C GLY E 111 48.72 9.75 4.19
N GLN E 112 48.47 10.70 3.31
CA GLN E 112 49.45 11.08 2.29
C GLN E 112 49.05 12.44 1.72
N PRO E 113 49.97 13.15 1.07
CA PRO E 113 49.67 14.51 0.60
C PRO E 113 48.50 14.53 -0.38
N LYS E 114 47.81 15.67 -0.40
CA LYS E 114 46.72 15.87 -1.36
C LYS E 114 47.25 15.88 -2.78
N ALA E 115 46.53 15.23 -3.68
CA ALA E 115 46.91 15.14 -5.08
C ALA E 115 45.72 15.54 -5.95
N ASN E 116 45.93 16.50 -6.83
CA ASN E 116 44.90 16.87 -7.80
C ASN E 116 44.79 15.80 -8.88
N PRO E 117 43.60 15.59 -9.42
CA PRO E 117 43.42 14.50 -10.39
C PRO E 117 43.92 14.85 -11.78
N THR E 118 44.48 13.85 -12.45
CA THR E 118 44.71 13.94 -13.88
C THR E 118 43.43 13.52 -14.62
N VAL E 119 43.07 14.30 -15.63
CA VAL E 119 41.83 14.08 -16.37
C VAL E 119 42.16 13.89 -17.84
N THR E 120 41.62 12.84 -18.43
CA THR E 120 41.77 12.56 -19.85
C THR E 120 40.40 12.28 -20.44
N LEU E 121 40.00 13.08 -21.43
CA LEU E 121 38.69 12.96 -22.05
C LEU E 121 38.87 12.49 -23.50
N PHE E 122 38.16 11.42 -23.86
CA PHE E 122 38.20 10.89 -25.21
C PHE E 122 36.89 11.15 -25.93
N PRO E 123 36.93 11.45 -27.22
CA PRO E 123 35.70 11.60 -27.99
C PRO E 123 35.19 10.26 -28.46
N PRO E 124 34.02 10.20 -29.10
CA PRO E 124 33.60 8.93 -29.71
C PRO E 124 34.55 8.53 -30.83
N SER E 125 34.82 7.24 -30.92
CA SER E 125 35.61 6.75 -32.04
C SER E 125 34.77 6.78 -33.32
N SER E 126 35.46 6.83 -34.46
CA SER E 126 34.75 6.73 -35.73
C SER E 126 34.07 5.38 -35.88
N GLU E 127 34.63 4.33 -35.28
CA GLU E 127 33.99 3.02 -35.33
C GLU E 127 32.66 3.02 -34.59
N GLU E 128 32.61 3.63 -33.41
CA GLU E 128 31.36 3.64 -32.64
C GLU E 128 30.29 4.47 -33.34
N LEU E 129 30.67 5.61 -33.92
CA LEU E 129 29.71 6.44 -34.64
C LEU E 129 29.15 5.71 -35.87
N GLN E 130 29.96 4.86 -36.50
CA GLN E 130 29.44 4.04 -37.58
C GLN E 130 28.41 3.04 -37.07
N ALA E 131 28.54 2.61 -35.82
CA ALA E 131 27.58 1.70 -35.20
C ALA E 131 26.39 2.44 -34.59
N ASN E 132 26.20 3.72 -34.92
CA ASN E 132 25.04 4.50 -34.51
C ASN E 132 25.00 4.73 -32.99
N LYS E 133 26.17 4.74 -32.35
CA LYS E 133 26.28 5.04 -30.93
C LYS E 133 27.44 6.00 -30.72
N ALA E 134 27.47 6.64 -29.55
CA ALA E 134 28.51 7.61 -29.24
C ALA E 134 28.71 7.67 -27.74
N THR E 135 29.96 7.53 -27.30
CA THR E 135 30.30 7.53 -25.89
C THR E 135 31.50 8.43 -25.64
N LEU E 136 31.38 9.32 -24.66
CA LEU E 136 32.50 10.13 -24.19
C LEU E 136 33.07 9.48 -22.94
N VAL E 137 34.38 9.29 -22.91
CA VAL E 137 35.05 8.59 -21.83
C VAL E 137 35.95 9.58 -21.10
N CYS E 138 35.63 9.86 -19.84
CA CYS E 138 36.41 10.77 -19.00
C CYS E 138 37.08 9.96 -17.92
N LEU E 139 38.40 9.84 -18.00
CA LEU E 139 39.19 9.03 -17.08
C LEU E 139 39.92 9.92 -16.09
N ILE E 140 39.79 9.60 -14.80
CA ILE E 140 40.27 10.44 -13.71
C ILE E 140 41.21 9.58 -12.86
N SER E 141 42.48 9.99 -12.77
CA SER E 141 43.49 9.20 -12.11
C SER E 141 44.37 10.07 -11.21
N ASP E 142 44.96 9.43 -10.20
CA ASP E 142 46.04 9.99 -9.38
C ASP E 142 45.56 11.13 -8.47
N PHE E 143 44.35 11.01 -7.93
CA PHE E 143 43.88 12.00 -6.98
C PHE E 143 43.81 11.40 -5.58
N TYR E 144 43.86 12.29 -4.58
CA TYR E 144 43.77 11.93 -3.18
C TYR E 144 43.39 13.17 -2.40
N PRO E 145 42.45 13.09 -1.46
CA PRO E 145 41.69 11.90 -1.04
C PRO E 145 40.74 11.39 -2.12
N GLY E 146 40.31 10.14 -2.00
CA GLY E 146 39.54 9.50 -3.05
C GLY E 146 38.08 9.90 -3.10
N ALA E 147 37.80 11.10 -3.61
CA ALA E 147 36.42 11.56 -3.74
C ALA E 147 36.40 12.72 -4.73
N VAL E 148 35.76 12.51 -5.87
CA VAL E 148 35.57 13.56 -6.86
C VAL E 148 34.09 13.65 -7.22
N THR E 149 33.71 14.81 -7.73
CA THR E 149 32.41 15.00 -8.36
C THR E 149 32.64 15.37 -9.81
N VAL E 150 31.91 14.72 -10.71
CA VAL E 150 32.05 14.90 -12.14
C VAL E 150 30.83 15.64 -12.67
N ALA E 151 31.07 16.68 -13.46
CA ALA E 151 30.01 17.45 -14.10
C ALA E 151 30.29 17.51 -15.60
N TRP E 152 29.28 17.20 -16.40
CA TRP E 152 29.40 17.19 -17.85
C TRP E 152 28.78 18.44 -18.44
N LYS E 153 29.36 18.89 -19.56
CA LYS E 153 28.94 20.13 -20.22
C LYS E 153 28.76 19.87 -21.71
N ALA E 154 27.59 20.22 -22.22
CA ALA E 154 27.35 20.31 -23.66
C ALA E 154 27.46 21.79 -24.04
N ASP E 155 28.46 22.11 -24.86
CA ASP E 155 28.91 23.48 -25.00
C ASP E 155 29.22 24.03 -23.62
N SER E 156 28.41 24.97 -23.14
CA SER E 156 28.55 25.49 -21.79
C SER E 156 27.39 25.11 -20.87
N SER E 157 26.39 24.38 -21.39
CA SER E 157 25.21 23.93 -20.66
C SER E 157 25.46 22.61 -19.95
N PRO E 158 24.89 22.44 -18.76
CA PRO E 158 25.09 21.18 -18.02
C PRO E 158 24.33 20.04 -18.64
N VAL E 159 24.86 18.83 -18.46
CA VAL E 159 24.26 17.60 -18.99
C VAL E 159 24.03 16.65 -17.84
N LYS E 160 22.78 16.23 -17.65
CA LYS E 160 22.41 15.29 -16.60
C LYS E 160 22.13 13.89 -17.11
N ALA E 161 21.48 13.77 -18.26
CA ALA E 161 21.02 12.47 -18.75
C ALA E 161 22.15 11.72 -19.46
N GLY E 162 22.15 10.40 -19.31
CA GLY E 162 23.15 9.58 -19.96
C GLY E 162 24.53 9.61 -19.32
N VAL E 163 24.61 9.93 -18.04
CA VAL E 163 25.88 10.03 -17.32
C VAL E 163 25.99 8.82 -16.40
N GLU E 164 27.07 8.05 -16.58
CA GLU E 164 27.39 6.91 -15.73
C GLU E 164 28.78 7.11 -15.18
N THR E 165 28.88 7.28 -13.86
CA THR E 165 30.14 7.55 -13.19
C THR E 165 30.41 6.47 -12.15
N THR E 166 31.64 5.97 -12.12
CA THR E 166 32.02 4.94 -11.17
C THR E 166 32.35 5.54 -9.81
N THR E 167 32.27 4.71 -8.78
CA THR E 167 32.79 5.09 -7.48
C THR E 167 34.31 5.11 -7.53
N PRO E 168 34.95 5.91 -6.66
CA PRO E 168 36.41 5.94 -6.65
C PRO E 168 36.99 4.57 -6.27
N SER E 169 38.18 4.29 -6.81
CA SER E 169 38.86 3.03 -6.53
C SER E 169 40.35 3.31 -6.33
N LYS E 170 40.92 2.70 -5.29
CA LYS E 170 42.31 2.96 -4.95
C LYS E 170 43.24 2.33 -5.98
N GLN E 171 44.19 3.12 -6.48
CA GLN E 171 45.18 2.62 -7.40
C GLN E 171 46.30 1.91 -6.65
N SER E 172 47.19 1.26 -7.41
CA SER E 172 48.29 0.53 -6.79
C SER E 172 49.27 1.45 -6.07
N ASN E 173 49.25 2.75 -6.38
CA ASN E 173 50.10 3.72 -5.71
C ASN E 173 49.41 4.38 -4.52
N ASN E 174 48.28 3.84 -4.07
CA ASN E 174 47.48 4.35 -2.96
C ASN E 174 46.81 5.68 -3.27
N LYS E 175 46.90 6.17 -4.50
CA LYS E 175 46.02 7.22 -4.98
C LYS E 175 44.77 6.56 -5.55
N TYR E 176 43.82 7.38 -6.01
CA TYR E 176 42.52 6.87 -6.41
C TYR E 176 42.23 7.17 -7.87
N ALA E 177 41.35 6.35 -8.45
CA ALA E 177 40.95 6.45 -9.84
C ALA E 177 39.44 6.34 -9.95
N ALA E 178 38.89 7.02 -10.97
CA ALA E 178 37.46 6.95 -11.26
C ALA E 178 37.27 7.31 -12.72
N SER E 179 36.16 6.83 -13.28
CA SER E 179 35.84 7.10 -14.68
C SER E 179 34.36 7.45 -14.79
N SER E 180 34.04 8.26 -15.80
CA SER E 180 32.68 8.71 -16.05
C SER E 180 32.40 8.67 -17.54
N TYR E 181 31.24 8.15 -17.90
CA TYR E 181 30.84 7.98 -19.30
C TYR E 181 29.60 8.80 -19.59
N LEU E 182 29.60 9.46 -20.75
CA LEU E 182 28.45 10.21 -21.23
C LEU E 182 27.95 9.55 -22.51
N SER E 183 26.72 9.05 -22.48
CA SER E 183 26.12 8.39 -23.64
C SER E 183 25.33 9.40 -24.44
N LEU E 184 25.66 9.53 -25.72
CA LEU E 184 25.00 10.45 -26.63
C LEU E 184 24.58 9.72 -27.88
N THR E 185 23.60 10.28 -28.57
CA THR E 185 23.36 9.86 -29.94
C THR E 185 24.40 10.52 -30.85
N PRO E 186 24.71 9.91 -32.00
CA PRO E 186 25.64 10.55 -32.94
C PRO E 186 25.20 11.94 -33.36
N GLU E 187 23.90 12.22 -33.33
CA GLU E 187 23.42 13.55 -33.69
C GLU E 187 23.72 14.57 -32.60
N GLN E 188 23.53 14.19 -31.34
CA GLN E 188 23.87 15.08 -30.23
C GLN E 188 25.36 15.42 -30.22
N TRP E 189 26.20 14.47 -30.63
CA TRP E 189 27.65 14.70 -30.61
C TRP E 189 28.09 15.63 -31.73
N LYS E 190 27.46 15.54 -32.90
CA LYS E 190 27.83 16.38 -34.03
C LYS E 190 27.15 17.74 -34.02
N SER E 191 26.02 17.87 -33.30
CA SER E 191 25.27 19.14 -33.30
C SER E 191 25.88 20.19 -32.39
N HIS E 192 26.74 19.80 -31.44
CA HIS E 192 27.33 20.74 -30.50
C HIS E 192 28.74 21.10 -30.92
N ARG E 193 29.19 22.28 -30.48
CA ARG E 193 30.56 22.71 -30.77
C ARG E 193 31.56 21.91 -29.94
N SER E 194 31.24 21.63 -28.68
CA SER E 194 32.16 20.91 -27.82
C SER E 194 31.39 20.26 -26.68
N TYR E 195 32.03 19.27 -26.07
CA TYR E 195 31.59 18.68 -24.82
C TYR E 195 32.74 18.73 -23.83
N SER E 196 32.41 18.83 -22.55
CA SER E 196 33.42 19.03 -21.53
C SER E 196 33.14 18.15 -20.32
N CYS E 197 34.22 17.70 -19.68
CA CYS E 197 34.18 16.92 -18.45
C CYS E 197 34.88 17.71 -17.35
N GLN E 198 34.12 18.12 -16.35
CA GLN E 198 34.65 18.91 -15.23
C GLN E 198 34.75 18.02 -14.00
N VAL E 199 35.97 17.85 -13.49
CA VAL E 199 36.23 17.07 -12.29
C VAL E 199 36.57 18.04 -11.17
N THR E 200 35.81 17.98 -10.08
CA THR E 200 36.04 18.79 -8.90
C THR E 200 36.64 17.92 -7.80
N HIS E 201 37.67 18.45 -7.14
CA HIS E 201 38.37 17.71 -6.09
C HIS E 201 38.93 18.71 -5.10
N GLU E 202 38.44 18.66 -3.86
CA GLU E 202 38.86 19.55 -2.78
C GLU E 202 38.62 21.02 -3.15
N GLY E 203 37.48 21.28 -3.81
CA GLY E 203 37.11 22.62 -4.19
C GLY E 203 37.75 23.13 -5.47
N SER E 204 38.72 22.42 -6.02
CA SER E 204 39.39 22.82 -7.25
C SER E 204 38.87 21.99 -8.42
N THR E 205 38.69 22.64 -9.56
CA THR E 205 38.09 22.02 -10.73
C THR E 205 39.07 22.05 -11.90
N VAL E 206 39.17 20.93 -12.61
CA VAL E 206 39.95 20.84 -13.84
C VAL E 206 39.03 20.31 -14.94
N GLU E 207 39.07 20.95 -16.11
CA GLU E 207 38.16 20.66 -17.19
C GLU E 207 38.92 20.16 -18.41
N LYS E 208 38.29 19.26 -19.16
CA LYS E 208 38.81 18.80 -20.44
C LYS E 208 37.70 18.89 -21.48
N THR E 209 38.09 19.14 -22.73
CA THR E 209 37.13 19.47 -23.77
C THR E 209 37.48 18.74 -25.07
N VAL E 210 36.49 18.09 -25.66
CA VAL E 210 36.61 17.46 -26.96
C VAL E 210 35.56 18.05 -27.89
N ALA E 211 35.78 17.88 -29.19
CA ALA E 211 34.91 18.45 -30.21
C ALA E 211 34.91 17.54 -31.42
N PRO E 212 33.84 17.56 -32.23
CA PRO E 212 33.83 16.75 -33.45
C PRO E 212 34.96 17.17 -34.39
N THR E 213 35.65 16.17 -34.94
CA THR E 213 36.78 16.46 -35.81
C THR E 213 36.31 16.71 -37.23
N GLU E 214 36.82 17.77 -37.85
CA GLU E 214 36.45 18.13 -39.21
C GLU E 214 37.38 17.43 -40.19
N CYS E 215 36.80 16.60 -41.06
CA CYS E 215 37.58 15.88 -42.07
C CYS E 215 36.87 15.88 -43.41
#